data_1PD0
#
_entry.id   1PD0
#
_cell.length_a   94.527
_cell.length_b   94.527
_cell.length_c   197.935
_cell.angle_alpha   90.00
_cell.angle_beta   90.00
_cell.angle_gamma   120.00
#
_symmetry.space_group_name_H-M   'P 32 2 1'
#
loop_
_entity.id
_entity.type
_entity.pdbx_description
1 polymer 'Protein transport protein Sec24'
2 polymer 'COPII-binding peptide of the integral membrane protein SED5'
3 non-polymer 'ZINC ION'
4 water water
#
loop_
_entity_poly.entity_id
_entity_poly.type
_entity_poly.pdbx_seq_one_letter_code
_entity_poly.pdbx_strand_id
1 'polypeptide(L)'
;AAPAYGQPSAAMGQNMRPMNQLYPIDLLTELPPPITDLTLPPPPLVIPPERMLVPSELSNASPDYIRSTLNAVPKNSSLL
KKSKLPFGLVIRPYQHLYDDIDPPPLNEDGLIVRCRRCRSYMNPFVTFIEQGRRWRCNFCRLANDVPMQMDQSDPNDPKS
RYDRNEIKCAVMEYMAPKEYTLRQPPPATYCFLIDVSQSSIKSGLLATTINTLLQNLDSIPNHDERTRISILCVDNAIHY
FKIPLDSENNEESADQINMMDIADLEEPFLPRPNSMVVSLKACRQNIETLLTKIPQIFQSNLITNFALGPALKSAYHLIG
GVGGKIIVVSGTLPNLGIGKLQRRNESGVVNTSKETAQLLSCQDSFYKNFTIDCSKVQITVDLFLASEDYMDVASLSNLS
RFTAGQTHFYPGFSGKNPNDIVKFSTEFAKHISMDFCMETVMRARGSTGLRMSRFYGHFFNRSSDLCAFSTMPRDQSYLF
EVNVDESIMADYCYVQVAVLLSLNNSQRRIRIITLAMPTTESLAEVYASADQLAIASFYNSKAVEKALNSSLDDARVLIN
KSVQDILATYKKEIVVSNTAGGAPLRLCANLRMFPLLMHSLTKHMAFRSGIVPSDHRASALNNLESLPLKYLIKNIYPDV
YSLHDMADEAGLPVQTEDGEATGTIVLPQPINATSSLFERYGLYLIDNGNELFLWMGGDAVPALVFDVFGTQDIFDIPIG
KQEIPVVENSEFNQRVRNIINQLRNHDDVITYQSLYIVRGASLSEPVNHASAREVATLRLWASSTLVEDKILNNESYREF
LQIMKARISK
;
A
2 'polypeptide(L)' TYNNSNPFMT B
#
# COMPACT_ATOMS: atom_id res chain seq x y z
N ARG A 17 -24.90 25.08 -12.17
CA ARG A 17 -24.60 24.37 -10.89
C ARG A 17 -23.23 24.76 -10.32
N PRO A 18 -23.02 24.52 -9.02
CA PRO A 18 -21.76 24.83 -8.33
C PRO A 18 -20.53 24.08 -8.85
N MET A 19 -20.39 23.97 -10.17
CA MET A 19 -19.23 23.28 -10.74
C MET A 19 -17.94 23.95 -10.25
N ASN A 20 -17.05 23.15 -9.65
CA ASN A 20 -15.77 23.67 -9.14
C ASN A 20 -15.18 24.67 -10.11
N GLN A 21 -14.65 25.78 -9.60
CA GLN A 21 -14.08 26.80 -10.46
C GLN A 21 -12.56 26.72 -10.64
N LEU A 22 -12.10 27.20 -11.79
CA LEU A 22 -10.68 27.20 -12.12
C LEU A 22 -9.98 28.35 -11.36
N TYR A 23 -8.93 28.01 -10.60
CA TYR A 23 -8.16 29.01 -9.85
C TYR A 23 -6.74 29.04 -10.40
N PRO A 24 -6.48 29.87 -11.42
CA PRO A 24 -5.17 29.98 -12.03
C PRO A 24 -4.05 30.44 -11.11
N ILE A 25 -2.88 29.83 -11.27
CA ILE A 25 -1.70 30.17 -10.49
C ILE A 25 -0.48 30.15 -11.40
N ASP A 26 0.61 30.73 -10.92
CA ASP A 26 1.87 30.76 -11.65
C ASP A 26 2.78 29.86 -10.82
N LEU A 27 3.24 28.76 -11.39
CA LEU A 27 4.11 27.87 -10.63
C LEU A 27 5.43 28.52 -10.18
N LEU A 28 5.91 29.49 -10.96
CA LEU A 28 7.17 30.16 -10.65
C LEU A 28 7.05 31.12 -9.47
N THR A 29 5.83 31.47 -9.12
CA THR A 29 5.55 32.38 -8.02
C THR A 29 5.33 31.63 -6.71
N GLU A 30 5.38 30.30 -6.79
CA GLU A 30 5.15 29.50 -5.60
C GLU A 30 6.32 28.60 -5.24
N LEU A 31 7.47 29.21 -4.98
CA LEU A 31 8.66 28.48 -4.59
C LEU A 31 9.28 29.08 -3.34
N PRO A 32 9.55 28.25 -2.34
CA PRO A 32 9.31 26.80 -2.29
C PRO A 32 7.84 26.43 -2.53
N PRO A 33 7.59 25.16 -2.88
CA PRO A 33 6.20 24.72 -3.14
C PRO A 33 5.39 24.74 -1.84
N PRO A 34 4.09 25.09 -1.92
CA PRO A 34 3.20 25.13 -0.75
C PRO A 34 2.85 23.68 -0.37
N ILE A 35 3.85 22.93 0.06
CA ILE A 35 3.65 21.52 0.40
C ILE A 35 2.52 21.19 1.34
N THR A 36 1.86 22.21 1.90
CA THR A 36 0.73 21.93 2.79
C THR A 36 -0.40 21.34 1.95
N ASP A 37 -0.38 21.62 0.65
CA ASP A 37 -1.39 21.11 -0.27
C ASP A 37 -1.46 19.58 -0.29
N LEU A 38 -0.33 18.93 -0.07
CA LEU A 38 -0.30 17.48 -0.08
C LEU A 38 -1.32 16.90 0.90
N THR A 39 -1.77 17.71 1.85
CA THR A 39 -2.73 17.25 2.84
C THR A 39 -4.17 17.71 2.67
N LEU A 40 -4.45 18.50 1.64
CA LEU A 40 -5.81 18.97 1.40
C LEU A 40 -6.64 17.88 0.71
N PRO A 41 -7.97 17.87 0.95
CA PRO A 41 -8.81 16.85 0.30
C PRO A 41 -8.91 17.20 -1.18
N PRO A 42 -9.31 16.24 -2.01
CA PRO A 42 -9.42 16.51 -3.45
C PRO A 42 -10.59 17.46 -3.75
N PRO A 43 -10.71 17.92 -5.01
CA PRO A 43 -11.81 18.81 -5.34
C PRO A 43 -13.15 18.18 -4.97
N PRO A 44 -14.14 19.01 -4.59
CA PRO A 44 -15.45 18.44 -4.21
C PRO A 44 -16.15 17.76 -5.39
N LEU A 45 -17.07 16.87 -5.06
CA LEU A 45 -17.86 16.16 -6.05
C LEU A 45 -19.21 16.86 -6.07
N VAL A 46 -19.37 17.78 -7.01
CA VAL A 46 -20.58 18.58 -7.16
C VAL A 46 -21.84 17.78 -7.52
N ILE A 47 -22.52 17.27 -6.51
CA ILE A 47 -23.75 16.53 -6.76
C ILE A 47 -24.88 17.20 -6.01
N PRO A 48 -25.86 17.78 -6.74
CA PRO A 48 -26.98 18.45 -6.06
C PRO A 48 -27.78 17.42 -5.27
N PRO A 49 -28.48 17.85 -4.21
CA PRO A 49 -29.29 16.98 -3.36
C PRO A 49 -30.36 16.14 -4.06
N GLU A 50 -30.90 16.64 -5.17
CA GLU A 50 -31.94 15.91 -5.90
C GLU A 50 -31.47 14.60 -6.51
N ARG A 51 -30.19 14.51 -6.87
CA ARG A 51 -29.67 13.29 -7.49
C ARG A 51 -29.46 12.16 -6.48
N MET A 52 -29.56 12.48 -5.18
CA MET A 52 -29.38 11.48 -4.13
C MET A 52 -30.70 11.18 -3.40
N LEU A 53 -31.05 9.90 -3.29
CA LEU A 53 -32.28 9.50 -2.61
C LEU A 53 -32.39 10.09 -1.20
N VAL A 54 -31.30 10.04 -0.45
CA VAL A 54 -31.26 10.57 0.92
C VAL A 54 -29.96 11.36 1.13
N PRO A 55 -29.97 12.65 0.73
CA PRO A 55 -28.83 13.55 0.85
C PRO A 55 -28.15 13.59 2.22
N SER A 56 -26.83 13.40 2.21
CA SER A 56 -26.01 13.41 3.41
C SER A 56 -24.58 13.30 2.91
N GLU A 57 -23.61 13.36 3.81
CA GLU A 57 -22.22 13.26 3.37
C GLU A 57 -21.91 11.81 3.01
N LEU A 58 -22.66 10.89 3.60
CA LEU A 58 -22.47 9.47 3.36
C LEU A 58 -23.12 8.99 2.06
N SER A 59 -23.82 9.88 1.36
CA SER A 59 -24.53 9.53 0.14
C SER A 59 -23.66 9.37 -1.11
N ASN A 60 -22.42 9.86 -1.06
CA ASN A 60 -21.49 9.72 -2.17
C ASN A 60 -20.22 9.12 -1.58
N ALA A 61 -19.50 8.36 -2.39
CA ALA A 61 -18.29 7.69 -1.93
C ALA A 61 -17.21 8.62 -1.39
N SER A 62 -16.68 8.26 -0.23
CA SER A 62 -15.63 9.01 0.42
C SER A 62 -14.31 8.81 -0.30
N PRO A 63 -13.46 9.83 -0.30
CA PRO A 63 -12.15 9.73 -0.96
C PRO A 63 -11.32 8.59 -0.37
N ASP A 64 -11.64 8.18 0.85
CA ASP A 64 -10.89 7.10 1.49
C ASP A 64 -11.08 5.73 0.85
N TYR A 65 -12.22 5.52 0.18
CA TYR A 65 -12.48 4.25 -0.48
C TYR A 65 -12.24 4.33 -1.98
N ILE A 66 -12.53 5.47 -2.57
CA ILE A 66 -12.32 5.61 -4.00
C ILE A 66 -12.08 7.07 -4.35
N ARG A 67 -11.11 7.30 -5.22
CA ARG A 67 -10.77 8.63 -5.66
C ARG A 67 -10.56 8.61 -7.18
N SER A 68 -11.42 9.32 -7.88
CA SER A 68 -11.31 9.42 -9.33
C SER A 68 -10.28 10.49 -9.64
N THR A 69 -9.48 10.25 -10.66
CA THR A 69 -8.47 11.23 -11.06
C THR A 69 -9.23 12.46 -11.55
N LEU A 70 -10.49 12.24 -11.90
CA LEU A 70 -11.35 13.31 -12.39
C LEU A 70 -12.69 13.32 -11.66
N ASN A 71 -12.96 14.42 -10.96
CA ASN A 71 -14.23 14.54 -10.24
C ASN A 71 -15.27 15.29 -11.07
N ALA A 72 -14.91 15.60 -12.31
CA ALA A 72 -15.81 16.27 -13.26
C ALA A 72 -15.42 15.55 -14.56
N VAL A 73 -16.16 14.51 -14.88
CA VAL A 73 -15.84 13.69 -16.03
C VAL A 73 -16.17 14.22 -17.42
N PRO A 74 -15.17 14.19 -18.33
CA PRO A 74 -15.34 14.66 -19.70
C PRO A 74 -16.55 13.97 -20.30
N LYS A 75 -17.49 14.77 -20.82
CA LYS A 75 -18.72 14.21 -21.38
C LYS A 75 -18.51 13.37 -22.64
N ASN A 76 -17.29 13.37 -23.17
CA ASN A 76 -17.01 12.58 -24.36
C ASN A 76 -15.51 12.36 -24.57
N SER A 77 -15.19 11.34 -25.35
CA SER A 77 -13.81 10.96 -25.64
C SER A 77 -12.90 12.07 -26.12
N SER A 78 -13.27 12.71 -27.23
CA SER A 78 -12.44 13.77 -27.79
C SER A 78 -12.03 14.78 -26.72
N LEU A 79 -12.93 15.07 -25.78
CA LEU A 79 -12.60 16.02 -24.73
C LEU A 79 -11.67 15.39 -23.70
N LEU A 80 -11.83 14.09 -23.45
CA LEU A 80 -10.96 13.42 -22.50
C LEU A 80 -9.55 13.39 -23.08
N LYS A 81 -9.47 13.05 -24.37
CA LYS A 81 -8.19 12.98 -25.06
C LYS A 81 -7.54 14.35 -25.12
N LYS A 82 -8.35 15.40 -25.19
CA LYS A 82 -7.82 16.76 -25.25
C LYS A 82 -7.33 17.27 -23.90
N SER A 83 -7.95 16.82 -22.82
CA SER A 83 -7.54 17.26 -21.50
C SER A 83 -6.13 16.77 -21.21
N LYS A 84 -5.81 15.58 -21.71
CA LYS A 84 -4.51 14.98 -21.49
C LYS A 84 -4.36 14.51 -20.04
N LEU A 85 -5.45 14.61 -19.28
CA LEU A 85 -5.47 14.16 -17.90
C LEU A 85 -5.93 12.73 -18.01
N PRO A 86 -5.46 11.84 -17.11
CA PRO A 86 -5.89 10.44 -17.18
C PRO A 86 -7.20 10.21 -16.44
N PHE A 87 -7.85 9.10 -16.74
CA PHE A 87 -9.09 8.76 -16.07
C PHE A 87 -8.82 7.45 -15.34
N GLY A 88 -8.62 7.54 -14.03
CA GLY A 88 -8.35 6.36 -13.22
C GLY A 88 -9.01 6.41 -11.86
N LEU A 89 -9.09 5.27 -11.21
CA LEU A 89 -9.72 5.20 -9.90
C LEU A 89 -8.77 4.61 -8.87
N VAL A 90 -8.54 5.34 -7.78
CA VAL A 90 -7.69 4.81 -6.73
C VAL A 90 -8.68 4.13 -5.80
N ILE A 91 -8.65 2.80 -5.77
CA ILE A 91 -9.56 1.99 -4.97
C ILE A 91 -8.90 1.28 -3.80
N ARG A 92 -9.46 1.48 -2.61
CA ARG A 92 -8.95 0.86 -1.39
C ARG A 92 -10.19 0.43 -0.60
N PRO A 93 -10.54 -0.86 -0.70
CA PRO A 93 -11.69 -1.49 -0.05
C PRO A 93 -11.69 -1.45 1.46
N TYR A 94 -10.51 -1.51 2.05
CA TYR A 94 -10.38 -1.51 3.50
C TYR A 94 -9.46 -0.39 3.98
N GLN A 95 -9.82 0.20 5.12
CA GLN A 95 -9.09 1.33 5.68
C GLN A 95 -8.15 1.07 6.85
N HIS A 96 -8.24 -0.10 7.46
CA HIS A 96 -7.39 -0.40 8.61
C HIS A 96 -6.97 -1.87 8.62
N LEU A 97 -5.99 -2.19 9.46
CA LEU A 97 -5.51 -3.56 9.55
C LEU A 97 -6.50 -4.45 10.28
N TYR A 98 -7.41 -3.84 11.04
CA TYR A 98 -8.41 -4.60 11.80
C TYR A 98 -9.83 -4.16 11.46
N ASP A 99 -10.65 -5.10 11.01
CA ASP A 99 -12.02 -4.80 10.62
C ASP A 99 -12.93 -4.17 11.66
N ASP A 100 -12.56 -4.27 12.93
CA ASP A 100 -13.37 -3.69 13.97
C ASP A 100 -13.20 -2.18 14.01
N ILE A 101 -12.30 -1.63 13.20
CA ILE A 101 -12.11 -0.19 13.20
C ILE A 101 -12.87 0.53 12.09
N ASP A 102 -13.83 1.34 12.52
CA ASP A 102 -14.64 2.14 11.61
C ASP A 102 -15.19 1.39 10.38
N PRO A 103 -15.89 0.26 10.58
CA PRO A 103 -16.45 -0.52 9.47
C PRO A 103 -17.63 0.20 8.81
N PRO A 104 -17.90 -0.11 7.52
CA PRO A 104 -19.03 0.55 6.87
C PRO A 104 -20.29 -0.12 7.39
N PRO A 105 -21.47 0.47 7.14
CA PRO A 105 -22.73 -0.13 7.61
C PRO A 105 -22.90 -1.55 7.07
N LEU A 106 -23.51 -2.43 7.85
CA LEU A 106 -23.70 -3.81 7.42
C LEU A 106 -25.15 -4.30 7.39
N ASN A 107 -25.64 -4.63 6.19
CA ASN A 107 -27.00 -5.13 5.99
C ASN A 107 -27.07 -6.61 6.38
N GLU A 108 -28.24 -7.07 6.85
CA GLU A 108 -28.37 -8.48 7.24
C GLU A 108 -29.64 -9.20 6.81
N ASP A 109 -30.61 -8.48 6.24
CA ASP A 109 -31.84 -9.14 5.83
C ASP A 109 -31.65 -10.02 4.60
N GLY A 110 -30.45 -9.97 4.03
CA GLY A 110 -30.16 -10.79 2.87
C GLY A 110 -30.78 -10.32 1.56
N LEU A 111 -31.55 -9.23 1.60
CA LEU A 111 -32.17 -8.70 0.39
C LEU A 111 -31.13 -7.90 -0.41
N ILE A 112 -30.89 -8.30 -1.65
CA ILE A 112 -29.92 -7.63 -2.52
C ILE A 112 -30.57 -7.18 -3.84
N VAL A 113 -31.02 -5.94 -3.92
CA VAL A 113 -31.64 -5.44 -5.15
C VAL A 113 -30.60 -5.11 -6.23
N ARG A 114 -30.67 -5.84 -7.34
CA ARG A 114 -29.72 -5.66 -8.45
C ARG A 114 -30.41 -5.56 -9.81
N CYS A 115 -29.88 -4.73 -10.69
CA CYS A 115 -30.43 -4.56 -12.03
C CYS A 115 -30.38 -5.89 -12.80
N ARG A 116 -31.38 -6.12 -13.65
CA ARG A 116 -31.43 -7.35 -14.43
C ARG A 116 -30.37 -7.43 -15.52
N ARG A 117 -30.14 -6.32 -16.20
CA ARG A 117 -29.16 -6.27 -17.28
C ARG A 117 -27.70 -6.06 -16.85
N CYS A 118 -27.39 -4.89 -16.30
CA CYS A 118 -26.02 -4.59 -15.90
C CYS A 118 -25.56 -5.27 -14.62
N ARG A 119 -26.50 -5.61 -13.75
CA ARG A 119 -26.22 -6.29 -12.48
C ARG A 119 -25.72 -5.35 -11.35
N SER A 120 -25.76 -4.05 -11.58
CA SER A 120 -25.31 -3.09 -10.56
C SER A 120 -26.23 -3.13 -9.35
N TYR A 121 -25.67 -2.84 -8.18
CA TYR A 121 -26.47 -2.88 -6.96
C TYR A 121 -27.22 -1.60 -6.68
N MET A 122 -28.34 -1.75 -5.96
CA MET A 122 -29.18 -0.63 -5.57
C MET A 122 -28.24 0.37 -4.90
N ASN A 123 -28.38 1.65 -5.24
CA ASN A 123 -27.51 2.66 -4.67
C ASN A 123 -28.22 4.01 -4.52
N PRO A 124 -27.59 4.96 -3.83
CA PRO A 124 -28.14 6.30 -3.60
C PRO A 124 -28.46 7.11 -4.86
N PHE A 125 -28.06 6.62 -6.03
CA PHE A 125 -28.31 7.38 -7.25
C PHE A 125 -29.38 6.85 -8.20
N VAL A 126 -30.08 5.80 -7.79
CA VAL A 126 -31.13 5.26 -8.63
C VAL A 126 -32.32 6.20 -8.54
N THR A 127 -33.24 6.11 -9.49
CA THR A 127 -34.41 6.95 -9.47
C THR A 127 -35.64 6.06 -9.43
N PHE A 128 -36.53 6.33 -8.47
CA PHE A 128 -37.76 5.55 -8.35
C PHE A 128 -38.82 6.19 -9.24
N ILE A 129 -39.38 5.42 -10.15
CA ILE A 129 -40.41 5.93 -11.04
C ILE A 129 -41.71 5.18 -10.81
N GLU A 130 -42.80 5.77 -11.30
CA GLU A 130 -44.13 5.17 -11.20
C GLU A 130 -44.54 4.88 -9.76
N GLN A 131 -44.76 5.94 -9.01
CA GLN A 131 -45.18 5.84 -7.61
C GLN A 131 -44.22 4.99 -6.77
N GLY A 132 -42.98 4.86 -7.23
CA GLY A 132 -42.01 4.09 -6.49
C GLY A 132 -42.21 2.59 -6.62
N ARG A 133 -42.80 2.16 -7.73
CA ARG A 133 -43.04 0.74 -7.95
C ARG A 133 -41.89 0.16 -8.74
N ARG A 134 -41.13 1.01 -9.40
CA ARG A 134 -40.00 0.59 -10.18
C ARG A 134 -38.87 1.60 -10.10
N TRP A 135 -37.65 1.12 -10.32
CA TRP A 135 -36.51 2.01 -10.29
C TRP A 135 -35.74 1.94 -11.59
N ARG A 136 -35.24 3.10 -12.00
CA ARG A 136 -34.46 3.21 -13.22
C ARG A 136 -32.99 3.13 -12.83
N CYS A 137 -32.32 2.09 -13.33
CA CYS A 137 -30.92 1.88 -13.04
C CYS A 137 -30.12 3.09 -13.52
N ASN A 138 -29.26 3.63 -12.66
CA ASN A 138 -28.47 4.81 -13.01
C ASN A 138 -27.24 4.44 -13.83
N PHE A 139 -26.96 3.15 -13.95
CA PHE A 139 -25.81 2.71 -14.74
C PHE A 139 -26.19 2.41 -16.17
N CYS A 140 -27.36 1.80 -16.35
CA CYS A 140 -27.81 1.43 -17.70
C CYS A 140 -29.21 1.94 -18.08
N ARG A 141 -29.84 2.72 -17.20
CA ARG A 141 -31.16 3.29 -17.48
C ARG A 141 -32.31 2.27 -17.61
N LEU A 142 -32.04 1.01 -17.29
CA LEU A 142 -33.09 -0.01 -17.38
C LEU A 142 -34.13 0.14 -16.29
N ALA A 143 -35.39 -0.12 -16.63
CA ALA A 143 -36.47 -0.03 -15.65
C ALA A 143 -36.53 -1.37 -14.92
N ASN A 144 -36.54 -1.33 -13.59
CA ASN A 144 -36.58 -2.55 -12.78
C ASN A 144 -37.73 -2.50 -11.80
N ASP A 145 -38.23 -3.67 -11.41
CA ASP A 145 -39.32 -3.75 -10.45
C ASP A 145 -38.77 -3.71 -9.03
N VAL A 146 -39.39 -2.90 -8.18
CA VAL A 146 -39.00 -2.77 -6.78
C VAL A 146 -39.63 -3.93 -6.02
N PRO A 147 -38.81 -4.77 -5.38
CA PRO A 147 -39.36 -5.91 -4.63
C PRO A 147 -40.29 -5.42 -3.52
N MET A 148 -41.39 -6.14 -3.29
CA MET A 148 -42.31 -5.75 -2.23
C MET A 148 -41.56 -5.82 -0.89
N GLN A 149 -40.49 -6.59 -0.85
CA GLN A 149 -39.68 -6.74 0.37
C GLN A 149 -39.01 -5.44 0.82
N MET A 150 -38.74 -4.54 -0.11
CA MET A 150 -38.10 -3.28 0.22
C MET A 150 -38.95 -2.39 1.12
N ASP A 151 -40.15 -2.85 1.47
CA ASP A 151 -41.01 -2.06 2.33
C ASP A 151 -41.60 -2.83 3.52
N GLN A 152 -40.76 -3.57 4.22
CA GLN A 152 -41.20 -4.33 5.37
C GLN A 152 -40.46 -3.90 6.64
N PRO A 158 -40.50 0.23 12.57
CA PRO A 158 -41.13 1.10 11.58
C PRO A 158 -40.15 1.91 10.73
N LYS A 159 -39.88 1.40 9.52
CA LYS A 159 -38.95 2.03 8.59
C LYS A 159 -39.37 1.79 7.13
N SER A 160 -39.01 2.72 6.24
CA SER A 160 -39.34 2.56 4.83
C SER A 160 -38.05 2.24 4.06
N ARG A 161 -38.15 2.13 2.74
CA ARG A 161 -36.99 1.81 1.93
C ARG A 161 -35.87 2.82 2.11
N TYR A 162 -36.23 4.05 2.45
CA TYR A 162 -35.24 5.13 2.62
C TYR A 162 -34.43 5.04 3.92
N ASP A 163 -34.74 4.07 4.76
CA ASP A 163 -34.02 3.88 6.01
C ASP A 163 -32.94 2.82 5.78
N ARG A 164 -32.88 2.33 4.55
CA ARG A 164 -31.91 1.30 4.19
C ARG A 164 -30.54 1.82 3.77
N ASN A 165 -29.50 1.13 4.23
CA ASN A 165 -28.12 1.52 3.93
C ASN A 165 -27.81 1.66 2.43
N GLU A 166 -28.20 0.66 1.64
CA GLU A 166 -27.94 0.69 0.20
C GLU A 166 -28.49 1.93 -0.46
N ILE A 167 -29.48 2.56 0.17
CA ILE A 167 -30.06 3.76 -0.39
C ILE A 167 -29.54 5.00 0.35
N LYS A 168 -29.11 4.82 1.59
CA LYS A 168 -28.58 5.93 2.38
C LYS A 168 -27.08 6.15 2.21
N CYS A 169 -26.34 5.06 1.99
CA CYS A 169 -24.88 5.14 1.88
C CYS A 169 -24.27 4.75 0.55
N ALA A 170 -23.19 5.45 0.18
CA ALA A 170 -22.48 5.15 -1.06
C ALA A 170 -21.62 3.92 -0.80
N VAL A 171 -21.05 3.86 0.40
CA VAL A 171 -20.22 2.74 0.82
C VAL A 171 -20.96 1.99 1.93
N MET A 172 -21.33 0.74 1.66
CA MET A 172 -22.02 -0.11 2.64
C MET A 172 -21.72 -1.57 2.31
N GLU A 173 -22.23 -2.48 3.12
CA GLU A 173 -21.94 -3.88 2.91
C GLU A 173 -23.15 -4.77 3.23
N TYR A 174 -23.22 -5.90 2.56
CA TYR A 174 -24.31 -6.83 2.77
C TYR A 174 -23.79 -8.18 3.23
N MET A 175 -24.69 -8.94 3.84
CA MET A 175 -24.43 -10.31 4.27
C MET A 175 -24.98 -11.03 3.05
N ALA A 176 -24.14 -11.79 2.36
CA ALA A 176 -24.59 -12.47 1.17
C ALA A 176 -25.50 -13.66 1.37
N PRO A 177 -26.54 -13.78 0.54
CA PRO A 177 -27.49 -14.90 0.63
C PRO A 177 -26.76 -16.17 0.21
N LYS A 178 -27.48 -17.28 0.16
CA LYS A 178 -26.87 -18.57 -0.21
C LYS A 178 -26.32 -18.63 -1.64
N GLU A 179 -27.08 -18.13 -2.62
CA GLU A 179 -26.65 -18.17 -4.02
C GLU A 179 -25.33 -17.46 -4.34
N TYR A 180 -24.74 -16.78 -3.36
CA TYR A 180 -23.47 -16.09 -3.59
C TYR A 180 -22.31 -16.95 -3.08
N THR A 181 -22.63 -18.20 -2.77
CA THR A 181 -21.66 -19.17 -2.27
C THR A 181 -21.85 -20.54 -2.92
N LEU A 182 -20.74 -21.22 -3.21
CA LEU A 182 -20.80 -22.56 -3.78
C LEU A 182 -20.45 -23.51 -2.64
N ARG A 183 -19.32 -23.24 -2.00
CA ARG A 183 -18.85 -24.05 -0.89
C ARG A 183 -18.88 -23.21 0.38
N GLN A 184 -18.94 -23.87 1.54
CA GLN A 184 -18.99 -23.20 2.82
C GLN A 184 -17.75 -22.36 3.11
N PRO A 185 -17.95 -21.14 3.63
CA PRO A 185 -16.84 -20.24 3.94
C PRO A 185 -15.69 -21.00 4.56
N PRO A 186 -14.47 -20.73 4.10
CA PRO A 186 -13.28 -21.41 4.62
C PRO A 186 -12.74 -20.74 5.87
N PRO A 187 -11.90 -21.46 6.62
CA PRO A 187 -11.28 -20.97 7.85
C PRO A 187 -10.01 -20.21 7.41
N ALA A 188 -9.50 -19.34 8.26
CA ALA A 188 -8.28 -18.63 7.93
C ALA A 188 -7.12 -19.63 8.08
N THR A 189 -6.60 -20.09 6.96
CA THR A 189 -5.50 -21.06 6.96
C THR A 189 -4.13 -20.44 6.71
N TYR A 190 -3.17 -20.76 7.57
CA TYR A 190 -1.81 -20.23 7.43
C TYR A 190 -0.79 -21.35 7.35
N CYS A 191 0.22 -21.14 6.53
CA CYS A 191 1.30 -22.10 6.39
C CYS A 191 2.58 -21.28 6.39
N PHE A 192 3.33 -21.38 7.48
CA PHE A 192 4.58 -20.66 7.57
C PHE A 192 5.68 -21.54 6.99
N LEU A 193 6.25 -21.07 5.87
CA LEU A 193 7.31 -21.80 5.20
C LEU A 193 8.60 -21.06 5.59
N ILE A 194 9.27 -21.61 6.60
CA ILE A 194 10.47 -21.00 7.15
C ILE A 194 11.83 -21.55 6.70
N ASP A 195 12.72 -20.64 6.34
CA ASP A 195 14.05 -21.02 5.92
C ASP A 195 14.91 -21.37 7.13
N VAL A 196 15.25 -22.65 7.26
CA VAL A 196 16.06 -23.10 8.38
C VAL A 196 17.49 -23.41 7.96
N SER A 197 17.96 -22.82 6.87
CA SER A 197 19.32 -23.06 6.40
C SER A 197 20.29 -22.27 7.26
N GLN A 198 21.58 -22.55 7.09
CA GLN A 198 22.62 -21.89 7.87
C GLN A 198 22.57 -20.35 7.88
N SER A 199 22.30 -19.74 6.72
CA SER A 199 22.24 -18.27 6.67
C SER A 199 21.19 -17.79 7.66
N SER A 200 20.09 -18.52 7.73
CA SER A 200 18.99 -18.20 8.62
C SER A 200 19.41 -18.35 10.09
N ILE A 201 20.07 -19.45 10.41
CA ILE A 201 20.54 -19.68 11.76
C ILE A 201 21.47 -18.56 12.20
N LYS A 202 22.59 -18.40 11.49
CA LYS A 202 23.56 -17.38 11.82
C LYS A 202 23.01 -15.96 11.93
N SER A 203 22.18 -15.56 10.96
CA SER A 203 21.60 -14.21 10.97
C SER A 203 20.62 -13.98 12.11
N GLY A 204 20.02 -15.05 12.60
CA GLY A 204 19.05 -14.92 13.66
C GLY A 204 17.63 -14.79 13.13
N LEU A 205 17.48 -14.89 11.81
CA LEU A 205 16.17 -14.78 11.20
C LEU A 205 15.24 -15.86 11.74
N LEU A 206 15.76 -17.08 11.85
CA LEU A 206 14.96 -18.18 12.37
C LEU A 206 14.55 -17.87 13.81
N ALA A 207 15.52 -17.50 14.65
CA ALA A 207 15.25 -17.16 16.04
C ALA A 207 14.20 -16.06 16.13
N THR A 208 14.44 -14.97 15.43
CA THR A 208 13.53 -13.86 15.44
C THR A 208 12.15 -14.27 14.96
N THR A 209 12.10 -15.08 13.90
CA THR A 209 10.83 -15.51 13.35
C THR A 209 10.06 -16.38 14.34
N ILE A 210 10.77 -17.30 14.97
CA ILE A 210 10.16 -18.18 15.96
C ILE A 210 9.66 -17.37 17.17
N ASN A 211 10.54 -16.59 17.77
CA ASN A 211 10.16 -15.79 18.92
C ASN A 211 8.94 -14.93 18.62
N THR A 212 8.90 -14.33 17.44
CA THR A 212 7.76 -13.49 17.09
C THR A 212 6.47 -14.30 16.99
N LEU A 213 6.52 -15.46 16.32
CA LEU A 213 5.33 -16.29 16.24
C LEU A 213 4.91 -16.60 17.67
N LEU A 214 5.89 -16.95 18.49
CA LEU A 214 5.67 -17.29 19.89
C LEU A 214 4.93 -16.19 20.63
N GLN A 215 5.33 -14.95 20.36
CA GLN A 215 4.76 -13.79 21.02
C GLN A 215 3.49 -13.25 20.37
N ASN A 216 2.96 -13.95 19.37
CA ASN A 216 1.79 -13.44 18.68
C ASN A 216 0.74 -14.44 18.24
N LEU A 217 0.85 -15.67 18.73
CA LEU A 217 -0.13 -16.70 18.37
C LEU A 217 -1.54 -16.21 18.64
N ASP A 218 -1.67 -15.34 19.63
CA ASP A 218 -2.98 -14.80 19.97
C ASP A 218 -3.31 -13.55 19.16
N SER A 219 -2.33 -13.09 18.38
CA SER A 219 -2.51 -11.90 17.53
C SER A 219 -3.11 -12.34 16.19
N ILE A 220 -2.82 -13.57 15.78
CA ILE A 220 -3.36 -14.11 14.54
C ILE A 220 -4.89 -14.13 14.63
N PRO A 221 -5.57 -13.58 13.63
CA PRO A 221 -7.04 -13.54 13.63
C PRO A 221 -7.67 -14.91 13.79
N ASN A 222 -8.64 -15.02 14.68
CA ASN A 222 -9.33 -16.30 14.88
C ASN A 222 -10.78 -15.99 15.30
N HIS A 223 -11.39 -15.05 14.59
CA HIS A 223 -12.76 -14.62 14.88
C HIS A 223 -13.79 -15.74 15.01
N ASP A 224 -13.54 -16.88 14.35
CA ASP A 224 -14.48 -17.99 14.41
C ASP A 224 -13.93 -19.22 15.11
N GLU A 225 -12.76 -19.08 15.72
CA GLU A 225 -12.12 -20.17 16.46
C GLU A 225 -11.69 -21.31 15.53
N ARG A 226 -11.89 -21.11 14.23
CA ARG A 226 -11.52 -22.13 13.26
C ARG A 226 -10.16 -21.95 12.58
N THR A 227 -9.48 -20.85 12.87
CA THR A 227 -8.19 -20.60 12.25
C THR A 227 -7.26 -21.79 12.29
N ARG A 228 -6.65 -22.11 11.15
CA ARG A 228 -5.73 -23.23 11.07
C ARG A 228 -4.33 -22.80 10.64
N ILE A 229 -3.34 -23.41 11.27
CA ILE A 229 -1.94 -23.10 11.03
C ILE A 229 -1.13 -24.35 10.67
N SER A 230 0.04 -24.12 10.10
CA SER A 230 0.95 -25.17 9.69
C SER A 230 2.36 -24.61 9.61
N ILE A 231 3.35 -25.45 9.88
CA ILE A 231 4.74 -25.03 9.83
C ILE A 231 5.67 -25.94 9.03
N LEU A 232 6.32 -25.35 8.04
CA LEU A 232 7.26 -26.08 7.20
C LEU A 232 8.63 -25.43 7.35
N CYS A 233 9.61 -26.21 7.81
CA CYS A 233 10.97 -25.71 7.93
C CYS A 233 11.69 -26.24 6.71
N VAL A 234 12.46 -25.38 6.05
CA VAL A 234 13.14 -25.77 4.82
C VAL A 234 14.62 -25.45 4.68
N ASP A 235 15.39 -26.47 4.29
CA ASP A 235 16.81 -26.33 3.99
C ASP A 235 16.97 -27.13 2.69
N ASN A 236 17.63 -28.28 2.71
CA ASN A 236 17.76 -29.07 1.50
C ASN A 236 16.58 -30.05 1.41
N ALA A 237 15.86 -30.22 2.51
CA ALA A 237 14.70 -31.08 2.53
C ALA A 237 13.53 -30.33 3.17
N ILE A 238 12.31 -30.85 2.99
CA ILE A 238 11.12 -30.21 3.55
C ILE A 238 10.69 -30.89 4.84
N HIS A 239 10.94 -30.22 5.96
CA HIS A 239 10.61 -30.75 7.26
C HIS A 239 9.18 -30.45 7.73
N TYR A 240 8.42 -31.51 7.98
CA TYR A 240 7.04 -31.38 8.43
C TYR A 240 6.91 -31.64 9.94
N PHE A 241 5.73 -31.33 10.47
CA PHE A 241 5.48 -31.55 11.89
C PHE A 241 4.04 -32.00 12.13
N LYS A 242 3.88 -33.08 12.88
CA LYS A 242 2.55 -33.59 13.21
C LYS A 242 2.22 -33.02 14.58
N ILE A 243 1.15 -32.23 14.63
CA ILE A 243 0.73 -31.59 15.87
C ILE A 243 -0.59 -32.17 16.37
N PRO A 244 -0.54 -32.93 17.48
CA PRO A 244 -1.71 -33.56 18.11
C PRO A 244 -2.58 -32.51 18.81
N LEU A 245 -3.80 -32.90 19.17
CA LEU A 245 -4.68 -31.96 19.88
C LEU A 245 -4.09 -31.84 21.28
N ASP A 246 -4.11 -30.64 21.85
CA ASP A 246 -3.58 -30.45 23.18
C ASP A 246 -4.19 -31.52 24.10
N SER A 247 -5.52 -31.66 24.02
CA SER A 247 -6.27 -32.59 24.85
C SER A 247 -5.73 -34.02 24.92
N GLU A 248 -5.17 -34.52 23.84
CA GLU A 248 -4.69 -35.89 23.90
C GLU A 248 -3.24 -36.05 24.38
N ASN A 249 -2.79 -35.15 25.24
CA ASN A 249 -1.42 -35.24 25.74
C ASN A 249 -1.31 -36.02 27.05
N ILE A 257 7.63 -34.60 19.95
CA ILE A 257 7.46 -33.99 18.63
C ILE A 257 7.68 -34.96 17.49
N ASN A 258 6.86 -34.81 16.44
CA ASN A 258 6.95 -35.66 15.27
C ASN A 258 7.42 -34.89 14.05
N MET A 259 8.72 -34.89 13.81
CA MET A 259 9.25 -34.21 12.64
C MET A 259 9.40 -35.24 11.54
N MET A 260 8.73 -35.00 10.42
CA MET A 260 8.75 -35.90 9.28
C MET A 260 9.56 -35.29 8.13
N ASP A 261 10.82 -35.68 8.03
CA ASP A 261 11.73 -35.18 6.99
C ASP A 261 11.39 -35.77 5.63
N ILE A 262 11.63 -34.99 4.59
CA ILE A 262 11.39 -35.43 3.21
C ILE A 262 12.41 -34.79 2.29
N ALA A 263 13.44 -35.58 1.92
CA ALA A 263 14.51 -35.09 1.07
C ALA A 263 14.23 -35.28 -0.43
N ASP A 264 13.21 -36.08 -0.77
CA ASP A 264 12.87 -36.30 -2.18
C ASP A 264 12.08 -35.12 -2.72
N LEU A 265 12.80 -34.18 -3.33
CA LEU A 265 12.23 -32.96 -3.87
C LEU A 265 11.43 -33.19 -5.15
N GLU A 266 11.26 -34.45 -5.53
CA GLU A 266 10.49 -34.79 -6.72
C GLU A 266 9.12 -35.25 -6.26
N GLU A 267 9.00 -35.51 -4.96
CA GLU A 267 7.76 -35.97 -4.36
C GLU A 267 6.90 -34.78 -3.92
N PRO A 273 -2.05 -34.11 5.55
CA PRO A 273 -2.83 -32.88 5.76
C PRO A 273 -3.26 -32.78 7.22
N ASN A 274 -4.08 -33.75 7.63
CA ASN A 274 -4.56 -33.81 9.00
C ASN A 274 -3.34 -33.90 9.90
N SER A 275 -3.37 -33.11 10.98
CA SER A 275 -2.27 -33.09 11.93
C SER A 275 -1.05 -32.33 11.41
N MET A 276 -1.15 -31.79 10.20
CA MET A 276 -0.07 -30.98 9.61
C MET A 276 -0.60 -29.55 9.61
N VAL A 277 -1.84 -29.39 9.20
CA VAL A 277 -2.51 -28.10 9.18
C VAL A 277 -3.51 -28.28 10.31
N VAL A 278 -3.24 -27.68 11.46
CA VAL A 278 -4.09 -27.87 12.63
C VAL A 278 -4.84 -26.66 13.19
N SER A 279 -5.68 -26.94 14.20
CA SER A 279 -6.45 -25.90 14.88
C SER A 279 -5.57 -25.10 15.84
N LEU A 280 -5.47 -23.80 15.59
CA LEU A 280 -4.66 -22.95 16.47
C LEU A 280 -5.18 -23.03 17.90
N LYS A 281 -6.48 -23.24 18.04
CA LYS A 281 -7.07 -23.32 19.37
C LYS A 281 -6.89 -24.68 20.05
N ALA A 282 -7.27 -25.77 19.37
CA ALA A 282 -7.16 -27.10 19.97
C ALA A 282 -5.71 -27.56 20.20
N CYS A 283 -4.76 -26.94 19.52
CA CYS A 283 -3.37 -27.35 19.69
C CYS A 283 -2.48 -26.24 20.22
N ARG A 284 -3.10 -25.17 20.72
CA ARG A 284 -2.37 -24.02 21.24
C ARG A 284 -1.06 -24.34 21.97
N GLN A 285 -1.12 -25.19 22.99
CA GLN A 285 0.08 -25.54 23.74
C GLN A 285 1.09 -26.33 22.90
N ASN A 286 0.60 -27.22 22.06
CA ASN A 286 1.48 -28.03 21.23
C ASN A 286 2.22 -27.26 20.16
N ILE A 287 1.53 -26.31 19.53
CA ILE A 287 2.16 -25.49 18.52
C ILE A 287 3.27 -24.72 19.22
N GLU A 288 2.97 -24.26 20.43
CA GLU A 288 3.92 -23.50 21.24
C GLU A 288 5.10 -24.39 21.61
N THR A 289 4.82 -25.61 22.02
CA THR A 289 5.88 -26.55 22.39
C THR A 289 6.79 -26.76 21.19
N LEU A 290 6.17 -26.93 20.02
CA LEU A 290 6.91 -27.15 18.78
C LEU A 290 7.81 -25.99 18.40
N LEU A 291 7.24 -24.80 18.30
CA LEU A 291 8.01 -23.61 17.93
C LEU A 291 9.21 -23.38 18.84
N THR A 292 9.10 -23.85 20.07
CA THR A 292 10.18 -23.69 21.04
C THR A 292 11.35 -24.61 20.76
N LYS A 293 11.06 -25.81 20.25
CA LYS A 293 12.09 -26.78 19.94
C LYS A 293 12.81 -26.49 18.62
N ILE A 294 12.06 -26.09 17.60
CA ILE A 294 12.62 -25.80 16.28
C ILE A 294 14.01 -25.16 16.32
N PRO A 295 14.15 -24.02 17.01
CA PRO A 295 15.48 -23.38 17.06
C PRO A 295 16.63 -24.32 17.42
N GLN A 296 16.37 -25.27 18.30
CA GLN A 296 17.39 -26.23 18.75
C GLN A 296 17.64 -27.29 17.68
N ILE A 297 16.56 -27.69 17.02
CA ILE A 297 16.64 -28.70 15.97
C ILE A 297 17.64 -28.34 14.87
N PHE A 298 17.55 -27.12 14.36
CA PHE A 298 18.44 -26.70 13.30
C PHE A 298 19.58 -25.81 13.79
N GLN A 299 19.76 -25.83 15.10
CA GLN A 299 20.79 -25.04 15.77
C GLN A 299 22.16 -25.16 15.12
N SER A 300 22.59 -26.38 14.82
CA SER A 300 23.91 -26.57 14.23
C SER A 300 23.83 -26.99 12.77
N ASN A 301 22.83 -26.48 12.04
CA ASN A 301 22.70 -26.82 10.64
C ASN A 301 23.86 -26.21 9.86
N LEU A 302 24.46 -26.99 8.97
CA LEU A 302 25.57 -26.50 8.15
C LEU A 302 25.16 -26.48 6.68
N ILE A 303 23.93 -26.94 6.42
CA ILE A 303 23.38 -26.96 5.07
C ILE A 303 23.12 -25.53 4.61
N THR A 304 23.46 -25.24 3.36
CA THR A 304 23.25 -23.90 2.83
C THR A 304 22.22 -23.93 1.72
N ASN A 305 21.47 -25.03 1.69
CA ASN A 305 20.43 -25.24 0.68
C ASN A 305 19.05 -24.79 1.15
N PHE A 306 18.31 -24.12 0.28
CA PHE A 306 16.95 -23.68 0.56
C PHE A 306 16.13 -24.01 -0.68
N ALA A 307 15.34 -25.06 -0.59
CA ALA A 307 14.54 -25.51 -1.73
C ALA A 307 13.14 -24.89 -1.74
N LEU A 308 13.07 -23.59 -2.02
CA LEU A 308 11.79 -22.89 -2.06
C LEU A 308 10.79 -23.58 -2.99
N GLY A 309 11.20 -23.86 -4.21
CA GLY A 309 10.31 -24.50 -5.16
C GLY A 309 9.57 -25.67 -4.56
N PRO A 310 10.27 -26.77 -4.25
CA PRO A 310 9.66 -27.97 -3.67
C PRO A 310 8.76 -27.65 -2.46
N ALA A 311 9.31 -26.94 -1.48
CA ALA A 311 8.55 -26.58 -0.28
C ALA A 311 7.25 -25.88 -0.67
N LEU A 312 7.35 -24.93 -1.60
CA LEU A 312 6.21 -24.18 -2.09
C LEU A 312 5.14 -25.15 -2.63
N LYS A 313 5.57 -26.14 -3.41
CA LYS A 313 4.63 -27.11 -3.95
C LYS A 313 4.07 -27.96 -2.83
N SER A 314 4.88 -28.15 -1.79
CA SER A 314 4.46 -28.92 -0.63
C SER A 314 3.34 -28.17 0.07
N ALA A 315 3.59 -26.90 0.35
CA ALA A 315 2.59 -26.08 1.02
C ALA A 315 1.34 -26.02 0.15
N TYR A 316 1.56 -25.91 -1.16
CA TYR A 316 0.46 -25.86 -2.10
C TYR A 316 -0.47 -27.05 -1.85
N HIS A 317 0.07 -28.26 -1.85
CA HIS A 317 -0.75 -29.43 -1.62
C HIS A 317 -1.22 -29.54 -0.18
N LEU A 318 -0.53 -28.85 0.71
CA LEU A 318 -0.89 -28.90 2.12
C LEU A 318 -2.20 -28.15 2.41
N ILE A 319 -2.42 -27.03 1.70
CA ILE A 319 -3.62 -26.22 1.91
C ILE A 319 -4.49 -26.00 0.68
N GLY A 320 -4.08 -26.54 -0.46
CA GLY A 320 -4.83 -26.36 -1.70
C GLY A 320 -6.29 -26.78 -1.68
N GLY A 321 -6.63 -27.76 -0.85
CA GLY A 321 -8.00 -28.23 -0.78
C GLY A 321 -8.98 -27.21 -0.21
N VAL A 322 -8.45 -26.17 0.42
CA VAL A 322 -9.31 -25.15 1.02
C VAL A 322 -8.88 -23.72 0.73
N GLY A 323 -7.58 -23.54 0.45
CA GLY A 323 -7.08 -22.20 0.17
C GLY A 323 -6.51 -21.54 1.42
N GLY A 324 -5.75 -20.48 1.24
CA GLY A 324 -5.17 -19.81 2.40
C GLY A 324 -3.91 -19.03 2.06
N LYS A 325 -3.08 -18.81 3.07
CA LYS A 325 -1.84 -18.07 2.88
C LYS A 325 -0.60 -18.91 3.15
N ILE A 326 0.38 -18.75 2.26
CA ILE A 326 1.66 -19.41 2.44
C ILE A 326 2.53 -18.21 2.74
N ILE A 327 3.04 -18.12 3.97
CA ILE A 327 3.89 -17.01 4.35
C ILE A 327 5.30 -17.53 4.40
N VAL A 328 6.12 -17.06 3.47
CA VAL A 328 7.51 -17.48 3.35
C VAL A 328 8.45 -16.54 4.08
N VAL A 329 9.33 -17.11 4.89
CA VAL A 329 10.32 -16.31 5.59
C VAL A 329 11.65 -16.90 5.18
N SER A 330 12.50 -16.07 4.59
CA SER A 330 13.78 -16.57 4.11
C SER A 330 14.89 -15.54 4.05
N GLY A 331 16.12 -16.01 4.15
CA GLY A 331 17.26 -15.12 4.06
C GLY A 331 18.27 -15.83 3.18
N THR A 332 17.77 -16.71 2.31
CA THR A 332 18.64 -17.50 1.43
C THR A 332 18.04 -17.71 0.03
N LEU A 333 18.80 -17.30 -0.99
CA LEU A 333 18.36 -17.43 -2.38
C LEU A 333 17.99 -18.86 -2.74
N PRO A 334 16.80 -19.06 -3.33
CA PRO A 334 16.46 -20.43 -3.68
C PRO A 334 17.61 -20.98 -4.52
N ASN A 335 18.16 -22.12 -4.11
CA ASN A 335 19.29 -22.71 -4.82
C ASN A 335 19.23 -24.22 -4.92
N LEU A 336 18.04 -24.80 -4.86
CA LEU A 336 17.92 -26.25 -4.98
C LEU A 336 16.50 -26.62 -5.37
N GLY A 337 16.38 -27.63 -6.22
CA GLY A 337 15.07 -28.05 -6.67
C GLY A 337 14.56 -27.11 -7.74
N ILE A 338 13.34 -27.37 -8.20
CA ILE A 338 12.75 -26.53 -9.22
C ILE A 338 12.66 -25.12 -8.67
N GLY A 339 12.71 -24.14 -9.57
CA GLY A 339 12.62 -22.76 -9.17
C GLY A 339 13.89 -22.21 -8.55
N LYS A 340 15.01 -22.88 -8.71
CA LYS A 340 16.22 -22.29 -8.12
C LYS A 340 16.57 -21.08 -8.97
N LEU A 341 17.31 -20.15 -8.38
CA LEU A 341 17.71 -18.94 -9.07
C LEU A 341 19.21 -18.69 -8.93
N GLN A 342 19.78 -17.84 -9.77
CA GLN A 342 21.20 -17.54 -9.73
C GLN A 342 21.44 -16.04 -9.64
N ARG A 343 22.72 -15.67 -9.53
CA ARG A 343 23.10 -14.27 -9.46
C ARG A 343 22.97 -13.62 -10.83
N ASP A 364 12.97 -16.69 -12.84
CA ASP A 364 12.44 -17.91 -13.43
C ASP A 364 10.93 -17.77 -13.70
N SER A 365 10.41 -18.60 -14.62
CA SER A 365 8.97 -18.55 -14.95
C SER A 365 8.19 -19.55 -14.10
N PHE A 366 8.90 -20.40 -13.36
CA PHE A 366 8.27 -21.39 -12.48
C PHE A 366 7.30 -20.68 -11.55
N TYR A 367 7.74 -19.55 -11.01
CA TYR A 367 6.93 -18.79 -10.08
C TYR A 367 5.64 -18.28 -10.70
N LYS A 368 5.73 -17.76 -11.91
CA LYS A 368 4.53 -17.27 -12.55
C LYS A 368 3.54 -18.41 -12.73
N ASN A 369 4.02 -19.58 -13.11
CA ASN A 369 3.13 -20.73 -13.28
C ASN A 369 2.52 -21.15 -11.95
N PHE A 370 3.27 -20.92 -10.87
CA PHE A 370 2.81 -21.27 -9.53
C PHE A 370 1.65 -20.37 -9.15
N THR A 371 1.79 -19.08 -9.46
CA THR A 371 0.74 -18.11 -9.16
C THR A 371 -0.52 -18.45 -9.95
N ILE A 372 -0.33 -18.99 -11.15
CA ILE A 372 -1.48 -19.35 -11.98
C ILE A 372 -2.21 -20.49 -11.28
N ASP A 373 -1.46 -21.45 -10.74
CA ASP A 373 -2.08 -22.55 -10.04
C ASP A 373 -2.74 -22.06 -8.74
N CYS A 374 -2.08 -21.12 -8.06
CA CYS A 374 -2.63 -20.58 -6.82
C CYS A 374 -4.02 -19.99 -7.06
N SER A 375 -4.21 -19.37 -8.22
CA SER A 375 -5.50 -18.78 -8.56
C SER A 375 -6.56 -19.85 -8.73
N LYS A 376 -6.14 -21.11 -8.78
CA LYS A 376 -7.10 -22.20 -8.95
C LYS A 376 -7.55 -22.76 -7.61
N VAL A 377 -6.70 -22.64 -6.60
CA VAL A 377 -7.03 -23.14 -5.29
C VAL A 377 -7.05 -22.06 -4.21
N GLN A 378 -7.27 -20.81 -4.64
CA GLN A 378 -7.34 -19.68 -3.72
C GLN A 378 -6.22 -19.62 -2.68
N ILE A 379 -4.98 -19.60 -3.15
CA ILE A 379 -3.83 -19.50 -2.26
C ILE A 379 -3.06 -18.20 -2.50
N THR A 380 -2.72 -17.53 -1.42
CA THR A 380 -1.97 -16.29 -1.50
C THR A 380 -0.58 -16.55 -0.92
N VAL A 381 0.42 -15.85 -1.45
CA VAL A 381 1.79 -16.03 -0.97
C VAL A 381 2.38 -14.72 -0.48
N ASP A 382 2.90 -14.72 0.74
CA ASP A 382 3.55 -13.53 1.28
C ASP A 382 5.01 -13.89 1.48
N LEU A 383 5.87 -12.89 1.34
CA LEU A 383 7.30 -13.13 1.48
C LEU A 383 8.03 -12.15 2.37
N PHE A 384 8.80 -12.68 3.30
CA PHE A 384 9.61 -11.84 4.15
C PHE A 384 11.04 -12.26 3.80
N LEU A 385 11.71 -11.39 3.06
CA LEU A 385 13.08 -11.64 2.63
C LEU A 385 14.02 -10.76 3.45
N ALA A 386 14.82 -11.42 4.28
CA ALA A 386 15.75 -10.73 5.14
C ALA A 386 17.13 -11.34 5.06
N SER A 387 18.05 -10.66 4.39
CA SER A 387 19.40 -11.19 4.24
C SER A 387 20.39 -10.14 3.76
N GLU A 388 21.68 -10.44 3.96
CA GLU A 388 22.75 -9.55 3.52
C GLU A 388 23.13 -9.98 2.10
N ASP A 389 22.65 -11.14 1.69
CA ASP A 389 22.97 -11.65 0.36
C ASP A 389 21.84 -11.42 -0.62
N TYR A 390 22.19 -11.47 -1.91
CA TYR A 390 21.24 -11.29 -3.01
C TYR A 390 20.05 -12.22 -2.83
N MET A 391 18.85 -11.65 -2.97
CA MET A 391 17.62 -12.41 -2.79
C MET A 391 16.72 -12.44 -4.03
N ASP A 392 17.07 -11.63 -5.03
CA ASP A 392 16.29 -11.55 -6.27
C ASP A 392 14.84 -11.21 -5.94
N VAL A 393 14.65 -10.06 -5.31
CA VAL A 393 13.32 -9.60 -4.96
C VAL A 393 12.52 -9.43 -6.27
N ALA A 394 13.21 -9.05 -7.34
CA ALA A 394 12.55 -8.86 -8.63
C ALA A 394 11.80 -10.12 -9.09
N SER A 395 12.39 -11.30 -8.90
CA SER A 395 11.70 -12.53 -9.32
C SER A 395 10.70 -13.00 -8.28
N LEU A 396 11.18 -13.19 -7.04
CA LEU A 396 10.31 -13.67 -5.98
C LEU A 396 9.08 -12.82 -5.72
N SER A 397 9.20 -11.50 -5.94
CA SER A 397 8.07 -10.60 -5.70
C SER A 397 6.88 -10.86 -6.62
N ASN A 398 7.08 -11.69 -7.64
CA ASN A 398 6.01 -12.03 -8.57
C ASN A 398 5.08 -13.01 -7.91
N LEU A 399 5.57 -13.73 -6.91
CA LEU A 399 4.75 -14.71 -6.19
C LEU A 399 3.61 -13.99 -5.48
N SER A 400 3.98 -12.97 -4.72
CA SER A 400 3.03 -12.18 -3.97
C SER A 400 2.19 -11.36 -4.95
N ARG A 401 2.87 -10.60 -5.79
CA ARG A 401 2.21 -9.76 -6.78
C ARG A 401 0.98 -10.37 -7.42
N PHE A 402 1.12 -11.56 -8.01
CA PHE A 402 -0.04 -12.16 -8.66
C PHE A 402 -0.92 -13.09 -7.85
N THR A 403 -0.80 -13.01 -6.52
CA THR A 403 -1.64 -13.82 -5.63
C THR A 403 -2.25 -12.90 -4.55
N ALA A 404 -2.18 -11.59 -4.79
CA ALA A 404 -2.72 -10.58 -3.87
C ALA A 404 -1.96 -10.51 -2.54
N GLY A 405 -0.79 -11.13 -2.49
CA GLY A 405 -0.01 -11.10 -1.27
C GLY A 405 0.94 -9.93 -1.31
N GLN A 406 1.94 -9.95 -0.44
CA GLN A 406 2.91 -8.88 -0.40
C GLN A 406 4.31 -9.40 -0.13
N THR A 407 5.31 -8.61 -0.49
CA THR A 407 6.67 -8.99 -0.24
C THR A 407 7.29 -7.88 0.59
N HIS A 408 8.01 -8.26 1.63
CA HIS A 408 8.65 -7.30 2.50
C HIS A 408 10.12 -7.66 2.47
N PHE A 409 10.96 -6.65 2.25
CA PHE A 409 12.39 -6.86 2.12
C PHE A 409 13.21 -6.21 3.23
N TYR A 410 14.09 -7.00 3.84
CA TYR A 410 14.91 -6.50 4.92
C TYR A 410 16.40 -6.54 4.62
N PRO A 411 16.87 -5.59 3.79
CA PRO A 411 18.26 -5.44 3.37
C PRO A 411 19.27 -5.51 4.50
N GLY A 412 20.29 -6.35 4.34
CA GLY A 412 21.32 -6.46 5.35
C GLY A 412 20.91 -6.96 6.71
N PHE A 413 19.73 -7.56 6.81
CA PHE A 413 19.25 -8.07 8.09
C PHE A 413 20.32 -8.86 8.85
N SER A 414 20.42 -8.60 10.15
CA SER A 414 21.40 -9.28 10.98
C SER A 414 21.09 -9.18 12.47
N GLY A 415 20.93 -10.34 13.09
CA GLY A 415 20.64 -10.38 14.51
C GLY A 415 21.65 -9.56 15.30
N LYS A 416 22.87 -9.48 14.81
CA LYS A 416 23.90 -8.72 15.50
C LYS A 416 23.46 -7.28 15.77
N ASN A 417 22.44 -6.82 15.04
CA ASN A 417 21.93 -5.46 15.23
C ASN A 417 20.57 -5.51 15.91
N PRO A 418 20.53 -5.29 17.23
CA PRO A 418 19.27 -5.32 17.98
C PRO A 418 18.12 -4.62 17.25
N ASN A 419 18.42 -3.52 16.56
CA ASN A 419 17.39 -2.78 15.85
C ASN A 419 16.86 -3.49 14.62
N ASP A 420 17.61 -4.43 14.08
CA ASP A 420 17.13 -5.17 12.92
C ASP A 420 15.97 -6.03 13.40
N ILE A 421 16.14 -6.63 14.58
CA ILE A 421 15.14 -7.50 15.17
C ILE A 421 13.81 -6.77 15.38
N VAL A 422 13.88 -5.56 15.91
CA VAL A 422 12.71 -4.78 16.19
C VAL A 422 11.88 -4.53 14.94
N LYS A 423 12.54 -4.12 13.87
CA LYS A 423 11.82 -3.86 12.63
C LYS A 423 11.19 -5.13 12.06
N PHE A 424 11.98 -6.18 11.87
CA PHE A 424 11.43 -7.41 11.32
C PHE A 424 10.26 -7.92 12.14
N SER A 425 10.48 -8.03 13.44
CA SER A 425 9.45 -8.52 14.38
C SER A 425 8.18 -7.72 14.37
N THR A 426 8.29 -6.40 14.47
CA THR A 426 7.13 -5.55 14.50
C THR A 426 6.28 -5.72 13.25
N GLU A 427 6.94 -5.76 12.08
CA GLU A 427 6.21 -5.90 10.83
C GLU A 427 5.64 -7.29 10.64
N PHE A 428 6.43 -8.31 10.94
CA PHE A 428 5.97 -9.68 10.78
C PHE A 428 4.77 -9.93 11.67
N ALA A 429 4.82 -9.37 12.89
CA ALA A 429 3.75 -9.51 13.86
C ALA A 429 2.49 -8.80 13.39
N LYS A 430 2.62 -7.51 13.05
CA LYS A 430 1.45 -6.79 12.57
C LYS A 430 0.88 -7.47 11.33
N HIS A 431 1.75 -7.94 10.45
CA HIS A 431 1.28 -8.61 9.24
C HIS A 431 0.45 -9.86 9.54
N ILE A 432 0.93 -10.74 10.41
CA ILE A 432 0.15 -11.94 10.69
C ILE A 432 -1.12 -11.63 11.49
N SER A 433 -1.18 -10.46 12.14
CA SER A 433 -2.35 -10.09 12.93
C SER A 433 -3.38 -9.41 12.05
N MET A 434 -2.98 -9.02 10.86
CA MET A 434 -3.90 -8.34 9.94
C MET A 434 -5.04 -9.24 9.48
N ASP A 435 -6.27 -8.71 9.53
CA ASP A 435 -7.44 -9.44 9.06
C ASP A 435 -7.31 -9.53 7.55
N PHE A 436 -8.07 -10.44 6.94
CA PHE A 436 -8.10 -10.56 5.50
C PHE A 436 -9.27 -11.41 5.05
N CYS A 437 -9.58 -11.33 3.76
CA CYS A 437 -10.66 -12.07 3.16
C CYS A 437 -10.05 -13.23 2.39
N MET A 438 -10.91 -14.08 1.85
CA MET A 438 -10.51 -15.23 1.07
C MET A 438 -11.53 -15.42 -0.05
N GLU A 439 -11.15 -16.13 -1.11
CA GLU A 439 -12.06 -16.37 -2.22
C GLU A 439 -12.74 -15.09 -2.68
N THR A 440 -12.04 -13.97 -2.61
CA THR A 440 -12.63 -12.69 -2.99
C THR A 440 -12.42 -12.31 -4.45
N VAL A 441 -13.36 -11.55 -4.99
CA VAL A 441 -13.23 -11.10 -6.36
C VAL A 441 -13.72 -9.66 -6.37
N MET A 442 -13.08 -8.81 -7.17
CA MET A 442 -13.45 -7.42 -7.22
C MET A 442 -13.57 -6.92 -8.64
N ARG A 443 -14.58 -6.10 -8.88
CA ARG A 443 -14.81 -5.53 -10.20
C ARG A 443 -15.44 -4.16 -10.02
N ALA A 444 -15.34 -3.35 -11.07
CA ALA A 444 -15.91 -2.02 -11.06
C ALA A 444 -16.78 -1.92 -12.29
N ARG A 445 -18.04 -1.54 -12.08
CA ARG A 445 -18.99 -1.37 -13.17
C ARG A 445 -19.11 0.12 -13.40
N GLY A 446 -19.19 0.53 -14.66
CA GLY A 446 -19.32 1.95 -14.95
C GLY A 446 -20.64 2.18 -15.63
N SER A 447 -21.15 3.41 -15.57
CA SER A 447 -22.41 3.72 -16.23
C SER A 447 -22.16 3.77 -17.74
N THR A 448 -23.23 3.66 -18.51
CA THR A 448 -23.14 3.67 -19.97
C THR A 448 -22.07 4.64 -20.49
N GLY A 449 -21.19 4.13 -21.35
CA GLY A 449 -20.13 4.97 -21.90
C GLY A 449 -18.79 4.80 -21.23
N LEU A 450 -18.80 4.38 -19.96
CA LEU A 450 -17.57 4.17 -19.20
C LEU A 450 -17.20 2.69 -19.21
N ARG A 451 -15.90 2.43 -19.26
CA ARG A 451 -15.39 1.07 -19.31
C ARG A 451 -14.07 0.96 -18.56
N MET A 452 -13.94 -0.08 -17.74
CA MET A 452 -12.70 -0.30 -17.01
C MET A 452 -11.80 -0.97 -18.03
N SER A 453 -10.60 -0.43 -18.23
CA SER A 453 -9.69 -0.98 -19.23
C SER A 453 -8.42 -1.64 -18.73
N ARG A 454 -7.88 -1.16 -17.62
CA ARG A 454 -6.66 -1.73 -17.08
C ARG A 454 -6.74 -1.88 -15.56
N PHE A 455 -6.03 -2.85 -15.01
CA PHE A 455 -6.07 -3.09 -13.57
C PHE A 455 -4.70 -3.22 -12.94
N TYR A 456 -4.43 -2.38 -11.95
CA TYR A 456 -3.14 -2.37 -11.28
C TYR A 456 -3.22 -2.70 -9.79
N GLY A 457 -2.19 -3.37 -9.29
CA GLY A 457 -2.13 -3.75 -7.88
C GLY A 457 -1.90 -5.25 -7.75
N HIS A 458 -1.80 -5.74 -6.51
CA HIS A 458 -1.58 -7.16 -6.31
C HIS A 458 -2.86 -7.97 -6.25
N PHE A 459 -3.03 -8.82 -7.26
CA PHE A 459 -4.19 -9.68 -7.41
C PHE A 459 -4.03 -10.45 -8.73
N PHE A 460 -5.00 -11.28 -9.05
CA PHE A 460 -4.91 -12.04 -10.27
C PHE A 460 -5.95 -11.58 -11.27
N ASN A 461 -5.52 -11.26 -12.48
CA ASN A 461 -6.40 -10.77 -13.53
C ASN A 461 -5.79 -11.14 -14.88
N ARG A 462 -6.56 -11.82 -15.73
CA ARG A 462 -6.04 -12.23 -17.03
C ARG A 462 -6.72 -11.61 -18.25
N SER A 463 -7.94 -12.05 -18.54
CA SER A 463 -8.67 -11.55 -19.70
C SER A 463 -10.05 -11.07 -19.32
N SER A 464 -10.20 -10.59 -18.09
CA SER A 464 -11.50 -10.14 -17.63
C SER A 464 -11.43 -8.79 -16.95
N ASP A 465 -12.56 -8.35 -16.45
CA ASP A 465 -12.64 -7.07 -15.74
C ASP A 465 -12.79 -7.46 -14.27
N LEU A 466 -12.57 -8.74 -14.00
CA LEU A 466 -12.68 -9.26 -12.65
C LEU A 466 -11.30 -9.51 -12.09
N CYS A 467 -11.06 -9.01 -10.88
CA CYS A 467 -9.79 -9.18 -10.19
C CYS A 467 -9.94 -10.23 -9.09
N ALA A 468 -9.18 -11.30 -9.19
CA ALA A 468 -9.27 -12.35 -8.20
C ALA A 468 -8.27 -12.16 -7.06
N PHE A 469 -8.78 -12.25 -5.83
CA PHE A 469 -7.97 -12.12 -4.62
C PHE A 469 -8.16 -13.43 -3.86
N SER A 470 -7.15 -14.31 -3.88
CA SER A 470 -7.28 -15.57 -3.16
C SER A 470 -7.52 -15.19 -1.70
N THR A 471 -6.96 -14.05 -1.32
CA THR A 471 -7.15 -13.48 0.00
C THR A 471 -6.94 -12.00 -0.28
N MET A 472 -7.74 -11.15 0.36
CA MET A 472 -7.59 -9.72 0.15
C MET A 472 -7.08 -9.12 1.44
N PRO A 473 -5.87 -8.55 1.40
CA PRO A 473 -5.25 -7.93 2.57
C PRO A 473 -5.93 -6.61 2.92
N ARG A 474 -5.36 -5.91 3.89
CA ARG A 474 -5.92 -4.64 4.31
C ARG A 474 -5.00 -3.46 4.03
N ASP A 475 -3.70 -3.73 3.91
CA ASP A 475 -2.71 -2.67 3.71
C ASP A 475 -2.34 -2.23 2.30
N GLN A 476 -3.07 -2.65 1.27
CA GLN A 476 -2.70 -2.25 -0.08
C GLN A 476 -3.74 -1.38 -0.75
N SER A 477 -3.38 -0.85 -1.92
CA SER A 477 -4.28 -0.02 -2.69
C SER A 477 -4.31 -0.59 -4.12
N TYR A 478 -5.27 -0.14 -4.92
CA TYR A 478 -5.40 -0.64 -6.29
C TYR A 478 -5.79 0.49 -7.24
N LEU A 479 -5.58 0.28 -8.53
CA LEU A 479 -5.93 1.31 -9.51
C LEU A 479 -6.52 0.75 -10.79
N PHE A 480 -7.63 1.34 -11.21
CA PHE A 480 -8.34 0.96 -12.43
C PHE A 480 -8.34 2.15 -13.38
N GLU A 481 -7.97 1.90 -14.63
CA GLU A 481 -7.97 2.95 -15.64
C GLU A 481 -9.35 2.86 -16.27
N VAL A 482 -9.99 4.00 -16.49
CA VAL A 482 -11.32 4.00 -17.10
C VAL A 482 -11.23 4.60 -18.49
N ASN A 483 -12.04 4.10 -19.40
CA ASN A 483 -12.07 4.62 -20.76
C ASN A 483 -13.48 5.09 -21.06
N VAL A 484 -13.60 6.21 -21.74
CA VAL A 484 -14.91 6.72 -22.11
C VAL A 484 -15.04 6.39 -23.59
N ASP A 485 -15.88 5.42 -23.92
CA ASP A 485 -16.05 5.05 -25.32
C ASP A 485 -17.18 5.87 -25.95
N GLU A 486 -18.42 5.46 -25.73
CA GLU A 486 -19.55 6.20 -26.27
C GLU A 486 -19.67 7.52 -25.54
N SER A 487 -20.26 8.52 -26.19
CA SER A 487 -20.43 9.81 -25.54
C SER A 487 -21.49 9.70 -24.47
N ILE A 488 -21.21 10.24 -23.29
CA ILE A 488 -22.16 10.20 -22.18
C ILE A 488 -23.23 11.23 -22.48
N MET A 489 -24.47 10.91 -22.12
CA MET A 489 -25.58 11.79 -22.38
C MET A 489 -26.13 12.45 -21.12
N ALA A 490 -25.99 11.76 -19.99
CA ALA A 490 -26.48 12.29 -18.73
C ALA A 490 -25.55 13.36 -18.16
N ASP A 491 -26.04 14.11 -17.18
CA ASP A 491 -25.22 15.14 -16.56
C ASP A 491 -24.32 14.50 -15.53
N TYR A 492 -24.51 13.21 -15.34
CA TYR A 492 -23.73 12.48 -14.37
C TYR A 492 -23.37 11.10 -14.88
N CYS A 493 -22.24 10.59 -14.42
CA CYS A 493 -21.83 9.25 -14.77
C CYS A 493 -21.52 8.60 -13.42
N TYR A 494 -21.49 7.28 -13.38
CA TYR A 494 -21.25 6.62 -12.11
C TYR A 494 -20.30 5.44 -12.19
N VAL A 495 -19.70 5.12 -11.05
CA VAL A 495 -18.78 4.02 -10.96
C VAL A 495 -19.08 3.25 -9.68
N GLN A 496 -19.27 1.94 -9.81
CA GLN A 496 -19.58 1.09 -8.67
C GLN A 496 -18.61 -0.07 -8.58
N VAL A 497 -17.90 -0.13 -7.46
CA VAL A 497 -16.93 -1.18 -7.17
C VAL A 497 -17.65 -2.19 -6.27
N ALA A 498 -17.55 -3.46 -6.62
CA ALA A 498 -18.17 -4.51 -5.80
C ALA A 498 -17.13 -5.54 -5.37
N VAL A 499 -17.21 -5.97 -4.12
CA VAL A 499 -16.28 -6.96 -3.60
C VAL A 499 -17.05 -8.15 -3.03
N LEU A 500 -17.04 -9.26 -3.74
CA LEU A 500 -17.70 -10.47 -3.26
C LEU A 500 -16.59 -11.15 -2.47
N LEU A 501 -16.77 -11.26 -1.16
CA LEU A 501 -15.75 -11.84 -0.30
C LEU A 501 -16.23 -12.83 0.75
N SER A 502 -15.25 -13.54 1.32
CA SER A 502 -15.49 -14.49 2.39
C SER A 502 -14.60 -14.01 3.52
N LEU A 503 -15.19 -13.30 4.47
CA LEU A 503 -14.45 -12.75 5.60
C LEU A 503 -13.85 -13.84 6.45
N ASN A 504 -12.83 -13.49 7.24
CA ASN A 504 -12.17 -14.45 8.10
C ASN A 504 -12.98 -14.72 9.36
N ASN A 505 -14.29 -14.79 9.17
CA ASN A 505 -15.23 -15.09 10.25
C ASN A 505 -16.34 -15.97 9.65
N SER A 506 -15.94 -16.79 8.69
CA SER A 506 -16.83 -17.73 8.02
C SER A 506 -18.09 -17.10 7.47
N GLN A 507 -18.00 -15.82 7.12
CA GLN A 507 -19.15 -15.11 6.58
C GLN A 507 -18.95 -14.70 5.13
N ARG A 508 -20.04 -14.71 4.38
CA ARG A 508 -20.02 -14.33 2.99
C ARG A 508 -20.60 -12.91 2.93
N ARG A 509 -19.84 -11.98 2.35
CA ARG A 509 -20.30 -10.60 2.25
C ARG A 509 -20.04 -10.00 0.88
N ILE A 510 -20.64 -8.84 0.65
CA ILE A 510 -20.51 -8.12 -0.60
C ILE A 510 -20.40 -6.65 -0.21
N ARG A 511 -19.22 -6.07 -0.42
CA ARG A 511 -19.01 -4.67 -0.08
C ARG A 511 -19.18 -3.84 -1.34
N ILE A 512 -19.98 -2.78 -1.23
CA ILE A 512 -20.24 -1.91 -2.37
C ILE A 512 -19.70 -0.49 -2.14
N ILE A 513 -19.23 0.12 -3.22
CA ILE A 513 -18.71 1.48 -3.17
C ILE A 513 -19.25 2.18 -4.40
N THR A 514 -20.19 3.09 -4.21
CA THR A 514 -20.76 3.78 -5.35
C THR A 514 -20.32 5.23 -5.39
N LEU A 515 -19.83 5.65 -6.56
CA LEU A 515 -19.33 7.00 -6.76
C LEU A 515 -20.07 7.69 -7.89
N ALA A 516 -20.50 8.92 -7.65
CA ALA A 516 -21.20 9.68 -8.68
C ALA A 516 -20.40 10.92 -9.04
N MET A 517 -20.19 11.15 -10.33
CA MET A 517 -19.42 12.31 -10.76
C MET A 517 -20.18 13.08 -11.82
N PRO A 518 -20.14 14.42 -11.72
CA PRO A 518 -20.83 15.25 -12.70
C PRO A 518 -20.08 15.18 -14.03
N THR A 519 -20.82 15.26 -15.13
CA THR A 519 -20.20 15.26 -16.44
C THR A 519 -20.06 16.72 -16.84
N THR A 520 -19.18 17.00 -17.79
CA THR A 520 -18.98 18.38 -18.21
C THR A 520 -18.38 18.39 -19.59
N GLU A 521 -18.54 19.51 -20.29
CA GLU A 521 -17.99 19.65 -21.61
C GLU A 521 -16.95 20.76 -21.56
N SER A 522 -16.85 21.37 -20.39
CA SER A 522 -15.89 22.45 -20.17
C SER A 522 -14.52 21.92 -19.76
N LEU A 523 -13.57 22.00 -20.67
CA LEU A 523 -12.21 21.55 -20.39
C LEU A 523 -11.70 22.26 -19.14
N ALA A 524 -12.11 23.49 -18.95
CA ALA A 524 -11.69 24.24 -17.77
C ALA A 524 -12.23 23.55 -16.53
N GLU A 525 -13.49 23.13 -16.59
CA GLU A 525 -14.11 22.48 -15.44
C GLU A 525 -13.47 21.11 -15.15
N VAL A 526 -13.00 20.44 -16.20
CA VAL A 526 -12.35 19.15 -16.04
C VAL A 526 -11.06 19.35 -15.26
N TYR A 527 -10.33 20.41 -15.58
CA TYR A 527 -9.07 20.68 -14.89
C TYR A 527 -9.24 21.13 -13.47
N ALA A 528 -10.29 21.92 -13.21
CA ALA A 528 -10.53 22.44 -11.87
C ALA A 528 -10.94 21.34 -10.89
N SER A 529 -11.41 20.21 -11.41
CA SER A 529 -11.85 19.12 -10.56
C SER A 529 -10.89 17.93 -10.55
N ALA A 530 -9.73 18.10 -11.18
CA ALA A 530 -8.73 17.04 -11.24
C ALA A 530 -8.12 16.77 -9.86
N ASP A 531 -8.00 15.49 -9.52
CA ASP A 531 -7.44 15.06 -8.23
C ASP A 531 -5.95 14.78 -8.45
N GLN A 532 -5.13 15.79 -8.18
CA GLN A 532 -3.69 15.69 -8.35
C GLN A 532 -3.04 14.47 -7.70
N LEU A 533 -3.41 14.16 -6.47
CA LEU A 533 -2.80 13.01 -5.82
C LEU A 533 -3.20 11.70 -6.50
N ALA A 534 -4.43 11.60 -6.98
CA ALA A 534 -4.91 10.40 -7.66
C ALA A 534 -4.17 10.26 -8.98
N ILE A 535 -4.00 11.38 -9.66
CA ILE A 535 -3.30 11.43 -10.93
C ILE A 535 -1.83 11.01 -10.73
N ALA A 536 -1.19 11.59 -9.71
CA ALA A 536 0.18 11.25 -9.37
C ALA A 536 0.28 9.73 -9.25
N SER A 537 -0.72 9.16 -8.56
CA SER A 537 -0.79 7.72 -8.34
C SER A 537 -0.97 6.97 -9.67
N PHE A 538 -1.81 7.53 -10.54
CA PHE A 538 -2.06 6.92 -11.84
C PHE A 538 -0.74 6.75 -12.59
N TYR A 539 -0.04 7.85 -12.77
CA TYR A 539 1.24 7.83 -13.47
C TYR A 539 2.29 7.05 -12.71
N ASN A 540 2.11 6.94 -11.39
CA ASN A 540 3.05 6.17 -10.59
C ASN A 540 2.91 4.69 -11.00
N SER A 541 1.69 4.23 -11.21
CA SER A 541 1.47 2.84 -11.65
C SER A 541 1.90 2.63 -13.10
N LYS A 542 1.60 3.59 -13.99
CA LYS A 542 2.02 3.48 -15.38
C LYS A 542 3.54 3.41 -15.42
N ALA A 543 4.19 4.20 -14.57
CA ALA A 543 5.65 4.19 -14.49
C ALA A 543 6.16 2.81 -14.04
N VAL A 544 5.51 2.20 -13.06
CA VAL A 544 5.96 0.90 -12.56
C VAL A 544 5.82 -0.15 -13.64
N GLU A 545 4.74 -0.04 -14.41
CA GLU A 545 4.50 -0.95 -15.51
C GLU A 545 5.62 -0.73 -16.54
N LYS A 546 5.82 0.52 -16.94
CA LYS A 546 6.85 0.85 -17.92
C LYS A 546 8.20 0.27 -17.50
N ALA A 547 8.58 0.50 -16.25
CA ALA A 547 9.85 -0.03 -15.77
C ALA A 547 9.82 -1.54 -15.81
N LEU A 548 8.98 -2.15 -14.98
CA LEU A 548 8.87 -3.60 -14.91
C LEU A 548 8.72 -4.34 -16.23
N ASN A 549 8.38 -3.65 -17.32
CA ASN A 549 8.22 -4.35 -18.60
C ASN A 549 9.06 -3.80 -19.75
N SER A 550 9.55 -2.57 -19.59
CA SER A 550 10.35 -1.94 -20.63
C SER A 550 11.72 -1.53 -20.08
N SER A 551 11.84 -0.30 -19.58
CA SER A 551 13.11 0.16 -19.05
C SER A 551 12.89 1.25 -18.02
N LEU A 552 13.89 1.46 -17.17
CA LEU A 552 13.81 2.49 -16.17
C LEU A 552 13.76 3.85 -16.87
N ASP A 553 14.63 4.04 -17.85
CA ASP A 553 14.65 5.30 -18.57
C ASP A 553 13.30 5.60 -19.20
N ASP A 554 12.72 4.61 -19.88
CA ASP A 554 11.41 4.80 -20.51
C ASP A 554 10.38 5.26 -19.47
N ALA A 555 10.50 4.74 -18.25
CA ALA A 555 9.60 5.11 -17.17
C ALA A 555 9.85 6.56 -16.77
N ARG A 556 11.11 6.98 -16.78
CA ARG A 556 11.39 8.37 -16.45
C ARG A 556 10.75 9.24 -17.53
N VAL A 557 10.98 8.86 -18.78
CA VAL A 557 10.42 9.59 -19.91
C VAL A 557 8.91 9.73 -19.74
N LEU A 558 8.26 8.66 -19.32
CA LEU A 558 6.81 8.67 -19.14
C LEU A 558 6.40 9.62 -18.01
N ILE A 559 7.18 9.63 -16.94
CA ILE A 559 6.88 10.50 -15.80
C ILE A 559 7.00 11.97 -16.21
N ASN A 560 8.14 12.34 -16.80
CA ASN A 560 8.34 13.73 -17.20
C ASN A 560 7.33 14.15 -18.25
N LYS A 561 6.99 13.25 -19.15
CA LYS A 561 6.02 13.59 -20.17
C LYS A 561 4.65 13.92 -19.56
N SER A 562 4.22 13.11 -18.59
CA SER A 562 2.92 13.35 -17.96
C SER A 562 2.84 14.79 -17.49
N VAL A 563 3.96 15.35 -17.04
CA VAL A 563 3.97 16.73 -16.59
C VAL A 563 3.97 17.73 -17.74
N GLN A 564 4.78 17.46 -18.76
CA GLN A 564 4.85 18.36 -19.90
C GLN A 564 3.53 18.45 -20.65
N ASP A 565 2.90 17.31 -20.90
CA ASP A 565 1.63 17.30 -21.63
C ASP A 565 0.58 18.13 -20.91
N ILE A 566 0.48 17.99 -19.58
CA ILE A 566 -0.49 18.75 -18.82
C ILE A 566 -0.17 20.24 -18.83
N LEU A 567 1.10 20.59 -18.59
CA LEU A 567 1.52 21.98 -18.59
C LEU A 567 1.36 22.57 -19.99
N ALA A 568 1.62 21.75 -21.01
CA ALA A 568 1.49 22.22 -22.38
C ALA A 568 0.03 22.40 -22.72
N THR A 569 -0.79 21.43 -22.33
CA THR A 569 -2.22 21.47 -22.60
C THR A 569 -2.91 22.66 -21.93
N TYR A 570 -2.64 22.84 -20.64
CA TYR A 570 -3.24 23.93 -19.88
C TYR A 570 -2.94 25.27 -20.56
N LYS A 571 -1.67 25.46 -20.91
CA LYS A 571 -1.22 26.70 -21.54
C LYS A 571 -1.93 27.00 -22.87
N LYS A 572 -2.11 25.99 -23.70
CA LYS A 572 -2.76 26.21 -24.99
C LYS A 572 -4.28 26.13 -24.95
N GLU A 573 -4.82 25.32 -24.04
CA GLU A 573 -6.26 25.14 -23.95
C GLU A 573 -6.98 26.10 -23.00
N ILE A 574 -6.24 27.00 -22.37
CA ILE A 574 -6.84 27.98 -21.47
C ILE A 574 -6.16 29.34 -21.68
N VAL A 575 -6.94 30.42 -21.61
CA VAL A 575 -6.38 31.77 -21.81
C VAL A 575 -5.90 32.40 -20.51
N GLY A 581 0.53 39.83 -18.34
CA GLY A 581 1.66 39.57 -17.47
C GLY A 581 2.94 39.35 -18.24
N GLY A 582 3.92 38.70 -17.62
CA GLY A 582 5.19 38.43 -18.27
C GLY A 582 5.25 37.03 -18.85
N ALA A 583 6.03 36.15 -18.24
CA ALA A 583 6.16 34.77 -18.72
C ALA A 583 6.03 33.79 -17.56
N PRO A 584 4.79 33.51 -17.16
CA PRO A 584 4.57 32.57 -16.05
C PRO A 584 4.46 31.13 -16.54
N LEU A 585 4.48 30.19 -15.60
CA LEU A 585 4.28 28.79 -15.93
C LEU A 585 2.91 28.57 -15.31
N ARG A 586 1.89 28.64 -16.15
CA ARG A 586 0.51 28.52 -15.73
C ARG A 586 -0.01 27.12 -15.41
N LEU A 587 -0.93 27.08 -14.46
CA LEU A 587 -1.58 25.84 -14.02
C LEU A 587 -2.68 26.28 -13.05
N CYS A 588 -3.45 25.33 -12.53
CA CYS A 588 -4.50 25.67 -11.57
C CYS A 588 -4.12 25.20 -10.18
N ALA A 589 -4.77 25.77 -9.16
CA ALA A 589 -4.47 25.44 -7.76
C ALA A 589 -4.52 23.96 -7.37
N ASN A 590 -5.53 23.24 -7.84
CA ASN A 590 -5.66 21.83 -7.50
C ASN A 590 -4.62 20.89 -8.15
N LEU A 591 -3.83 21.39 -9.10
CA LEU A 591 -2.79 20.56 -9.74
C LEU A 591 -1.40 21.10 -9.41
N ARG A 592 -1.39 22.06 -8.49
CA ARG A 592 -0.17 22.75 -8.06
C ARG A 592 0.95 21.86 -7.56
N MET A 593 0.61 20.72 -6.97
CA MET A 593 1.62 19.82 -6.45
C MET A 593 2.04 18.75 -7.47
N PHE A 594 1.27 18.62 -8.56
CA PHE A 594 1.56 17.59 -9.56
C PHE A 594 3.00 17.61 -10.12
N PRO A 595 3.45 18.75 -10.67
CA PRO A 595 4.81 18.82 -11.23
C PRO A 595 5.84 18.35 -10.21
N LEU A 596 5.69 18.82 -8.97
CA LEU A 596 6.59 18.48 -7.89
C LEU A 596 6.57 17.02 -7.54
N LEU A 597 5.40 16.39 -7.67
CA LEU A 597 5.30 14.98 -7.34
C LEU A 597 5.93 14.11 -8.40
N MET A 598 5.72 14.45 -9.66
CA MET A 598 6.30 13.66 -10.74
C MET A 598 7.82 13.84 -10.76
N HIS A 599 8.27 15.08 -10.63
CA HIS A 599 9.70 15.35 -10.59
C HIS A 599 10.30 14.51 -9.47
N SER A 600 9.79 14.71 -8.25
CA SER A 600 10.30 13.95 -7.11
C SER A 600 10.24 12.45 -7.36
N LEU A 601 9.22 12.00 -8.08
CA LEU A 601 9.12 10.58 -8.38
C LEU A 601 10.34 10.11 -9.18
N THR A 602 10.76 10.90 -10.18
CA THR A 602 11.91 10.54 -11.01
C THR A 602 13.18 10.36 -10.17
N LYS A 603 13.18 10.91 -8.94
CA LYS A 603 14.34 10.79 -8.07
C LYS A 603 14.15 9.68 -7.05
N HIS A 604 13.02 9.00 -7.11
CA HIS A 604 12.78 7.93 -6.16
C HIS A 604 13.72 6.76 -6.46
N MET A 605 14.10 6.03 -5.42
CA MET A 605 14.98 4.87 -5.58
C MET A 605 14.43 3.89 -6.61
N ALA A 606 13.13 3.94 -6.87
CA ALA A 606 12.53 3.03 -7.83
C ALA A 606 12.78 3.45 -9.26
N PHE A 607 12.94 4.74 -9.51
CA PHE A 607 13.14 5.20 -10.87
C PHE A 607 14.45 5.95 -11.12
N ARG A 608 15.14 6.33 -10.05
CA ARG A 608 16.40 7.05 -10.14
C ARG A 608 17.23 6.62 -11.33
N SER A 609 18.11 7.51 -11.77
CA SER A 609 19.01 7.18 -12.85
C SER A 609 20.27 6.84 -12.09
N GLY A 610 21.21 6.16 -12.74
CA GLY A 610 22.43 5.82 -12.05
C GLY A 610 22.42 4.42 -11.46
N ILE A 611 23.07 4.27 -10.32
CA ILE A 611 23.18 2.97 -9.67
C ILE A 611 22.41 2.75 -8.37
N VAL A 612 21.66 1.66 -8.34
CA VAL A 612 20.87 1.24 -7.19
C VAL A 612 20.86 -0.28 -7.18
N PRO A 613 21.30 -0.90 -6.09
CA PRO A 613 21.32 -2.36 -6.00
C PRO A 613 20.02 -2.99 -6.51
N SER A 614 20.16 -4.09 -7.23
CA SER A 614 19.02 -4.77 -7.81
C SER A 614 17.86 -5.01 -6.83
N ASP A 615 18.15 -5.64 -5.70
CA ASP A 615 17.10 -5.92 -4.73
C ASP A 615 16.41 -4.64 -4.21
N HIS A 616 17.19 -3.62 -3.86
CA HIS A 616 16.59 -2.37 -3.37
C HIS A 616 15.61 -1.84 -4.38
N ARG A 617 16.04 -1.76 -5.63
CA ARG A 617 15.20 -1.25 -6.70
C ARG A 617 13.88 -2.01 -6.81
N ALA A 618 13.98 -3.33 -7.01
CA ALA A 618 12.79 -4.16 -7.13
C ALA A 618 11.84 -3.90 -5.95
N SER A 619 12.44 -3.81 -4.76
CA SER A 619 11.71 -3.58 -3.53
C SER A 619 10.95 -2.27 -3.60
N ALA A 620 11.65 -1.21 -3.97
CA ALA A 620 11.04 0.11 -4.08
C ALA A 620 9.88 0.08 -5.08
N LEU A 621 10.08 -0.62 -6.20
CA LEU A 621 9.05 -0.71 -7.21
C LEU A 621 7.85 -1.46 -6.67
N ASN A 622 8.12 -2.55 -5.95
CA ASN A 622 7.04 -3.35 -5.38
C ASN A 622 6.23 -2.56 -4.38
N ASN A 623 6.90 -1.72 -3.59
CA ASN A 623 6.24 -0.91 -2.59
C ASN A 623 5.41 0.23 -3.23
N LEU A 624 6.03 1.00 -4.11
CA LEU A 624 5.30 2.09 -4.77
C LEU A 624 4.05 1.62 -5.49
N GLU A 625 4.07 0.38 -5.98
CA GLU A 625 2.93 -0.10 -6.74
C GLU A 625 1.73 -0.57 -5.93
N SER A 626 1.92 -0.79 -4.63
CA SER A 626 0.82 -1.26 -3.81
C SER A 626 0.51 -0.39 -2.61
N LEU A 627 1.33 0.63 -2.38
CA LEU A 627 1.15 1.52 -1.23
C LEU A 627 -0.17 2.29 -1.24
N PRO A 628 -0.77 2.51 -0.04
CA PRO A 628 -2.03 3.27 0.02
C PRO A 628 -1.69 4.70 -0.37
N LEU A 629 -2.57 5.36 -1.12
CA LEU A 629 -2.32 6.73 -1.57
C LEU A 629 -1.60 7.62 -0.56
N LYS A 630 -2.15 7.69 0.65
CA LYS A 630 -1.58 8.48 1.73
C LYS A 630 -0.09 8.21 1.91
N TYR A 631 0.28 6.94 1.98
CA TYR A 631 1.68 6.60 2.16
C TYR A 631 2.48 6.69 0.86
N LEU A 632 1.78 6.64 -0.27
CA LEU A 632 2.45 6.78 -1.55
C LEU A 632 2.98 8.19 -1.67
N ILE A 633 2.10 9.18 -1.46
CA ILE A 633 2.55 10.56 -1.58
C ILE A 633 3.72 10.85 -0.64
N LYS A 634 3.70 10.30 0.57
CA LYS A 634 4.80 10.56 1.49
C LYS A 634 6.08 9.81 1.09
N ASN A 635 5.94 8.67 0.40
CA ASN A 635 7.11 7.92 0.00
C ASN A 635 7.85 8.67 -1.12
N ILE A 636 7.08 9.39 -1.93
CA ILE A 636 7.60 10.17 -3.03
C ILE A 636 8.14 11.50 -2.51
N TYR A 637 7.32 12.21 -1.75
CA TYR A 637 7.74 13.48 -1.19
C TYR A 637 7.63 13.22 0.31
N PRO A 638 8.74 13.38 1.04
CA PRO A 638 8.81 13.14 2.47
C PRO A 638 8.38 14.27 3.38
N ASP A 639 7.93 13.92 4.58
CA ASP A 639 7.58 14.92 5.57
C ASP A 639 8.89 15.20 6.29
N VAL A 640 9.26 16.47 6.34
CA VAL A 640 10.50 16.90 6.98
C VAL A 640 10.10 17.81 8.14
N TYR A 641 10.70 17.58 9.29
CA TYR A 641 10.39 18.38 10.47
C TYR A 641 11.60 19.10 11.05
N SER A 642 11.43 20.40 11.30
CA SER A 642 12.49 21.21 11.87
C SER A 642 12.28 21.19 13.39
N LEU A 643 13.04 20.35 14.08
CA LEU A 643 12.94 20.18 15.53
C LEU A 643 13.59 21.18 16.48
N HIS A 644 14.71 21.78 16.10
CA HIS A 644 15.37 22.72 17.01
C HIS A 644 14.56 23.99 17.30
N ASP A 645 13.78 24.43 16.31
CA ASP A 645 12.97 25.63 16.44
C ASP A 645 11.49 25.24 16.44
N MET A 646 11.25 24.06 17.01
CA MET A 646 9.94 23.44 17.14
C MET A 646 9.02 24.29 18.03
N ALA A 647 7.74 24.39 17.68
CA ALA A 647 6.79 25.13 18.50
C ALA A 647 6.67 24.37 19.82
N ASP A 648 6.28 25.06 20.88
CA ASP A 648 6.17 24.43 22.19
C ASP A 648 5.10 23.36 22.32
N GLU A 649 4.06 23.44 21.49
CA GLU A 649 3.00 22.43 21.53
C GLU A 649 3.59 21.12 21.03
N ALA A 650 4.24 21.20 19.88
CA ALA A 650 4.87 20.05 19.23
C ALA A 650 5.67 19.18 20.20
N GLY A 651 5.51 17.86 20.05
CA GLY A 651 6.23 16.93 20.91
C GLY A 651 5.47 16.57 22.17
N LEU A 652 4.29 17.15 22.33
CA LEU A 652 3.45 16.89 23.50
C LEU A 652 2.06 16.45 23.07
N PRO A 653 1.34 15.74 23.96
CA PRO A 653 -0.02 15.27 23.66
C PRO A 653 -0.97 16.41 23.29
N VAL A 654 -2.09 16.08 22.63
CA VAL A 654 -3.07 17.08 22.22
C VAL A 654 -4.03 17.41 23.35
N GLY A 663 -3.77 10.23 23.63
CA GLY A 663 -2.36 9.92 23.64
C GLY A 663 -1.64 10.22 22.33
N THR A 664 -2.29 10.95 21.43
CA THR A 664 -1.68 11.29 20.15
C THR A 664 -0.83 12.54 20.31
N ILE A 665 0.40 12.48 19.80
CA ILE A 665 1.32 13.61 19.90
C ILE A 665 1.10 14.60 18.76
N VAL A 666 1.44 15.86 19.03
CA VAL A 666 1.32 16.93 18.05
C VAL A 666 2.66 16.98 17.33
N LEU A 667 2.60 17.14 16.01
CA LEU A 667 3.81 17.18 15.21
C LEU A 667 4.02 18.59 14.68
N PRO A 668 5.29 19.00 14.50
CA PRO A 668 5.57 20.34 13.99
C PRO A 668 5.02 20.40 12.58
N GLN A 669 4.96 21.59 11.99
CA GLN A 669 4.49 21.70 10.62
C GLN A 669 5.67 21.32 9.74
N PRO A 670 5.42 20.51 8.71
CA PRO A 670 6.50 20.08 7.81
C PRO A 670 7.12 21.23 7.01
N ILE A 671 8.44 21.12 6.80
CA ILE A 671 9.17 22.13 6.02
C ILE A 671 9.43 21.51 4.65
N ASN A 672 9.78 22.32 3.66
CA ASN A 672 10.03 21.75 2.34
C ASN A 672 11.21 20.78 2.39
N ALA A 673 11.16 19.75 1.55
CA ALA A 673 12.21 18.74 1.48
C ALA A 673 13.43 19.26 0.72
N THR A 674 14.15 20.21 1.32
CA THR A 674 15.34 20.78 0.68
C THR A 674 16.43 21.10 1.69
N SER A 675 17.67 20.86 1.29
CA SER A 675 18.80 21.14 2.16
C SER A 675 18.96 22.65 2.40
N SER A 676 18.27 23.49 1.62
CA SER A 676 18.34 24.95 1.78
C SER A 676 17.89 25.40 3.17
N LEU A 677 17.05 24.59 3.79
CA LEU A 677 16.52 24.93 5.10
C LEU A 677 17.29 24.29 6.24
N PHE A 678 18.20 23.38 5.92
CA PHE A 678 18.98 22.73 6.97
C PHE A 678 20.08 23.63 7.53
N GLU A 679 19.79 24.33 8.62
CA GLU A 679 20.78 25.20 9.23
C GLU A 679 21.85 24.25 9.73
N ARG A 680 23.10 24.69 9.78
CA ARG A 680 24.17 23.81 10.23
C ARG A 680 24.06 23.54 11.72
N TYR A 681 23.24 24.32 12.40
CA TYR A 681 23.05 24.18 13.83
C TYR A 681 21.66 23.63 14.17
N GLY A 682 20.94 23.16 13.15
CA GLY A 682 19.60 22.65 13.40
C GLY A 682 19.42 21.16 13.55
N LEU A 683 18.21 20.76 13.93
CA LEU A 683 17.91 19.35 14.10
C LEU A 683 16.73 19.08 13.22
N TYR A 684 16.86 18.11 12.32
CA TYR A 684 15.78 17.80 11.41
C TYR A 684 15.44 16.32 11.45
N LEU A 685 14.17 16.02 11.23
CA LEU A 685 13.67 14.65 11.22
C LEU A 685 12.98 14.42 9.88
N ILE A 686 13.44 13.42 9.15
CA ILE A 686 12.87 13.11 7.85
C ILE A 686 12.11 11.80 7.91
N ASP A 687 10.89 11.81 7.38
CA ASP A 687 10.07 10.62 7.38
C ASP A 687 9.59 10.41 5.93
N ASN A 688 10.15 9.39 5.30
CA ASN A 688 9.83 9.06 3.90
C ASN A 688 8.94 7.84 3.77
N GLY A 689 8.35 7.39 4.87
CA GLY A 689 7.47 6.23 4.80
C GLY A 689 8.20 4.90 4.91
N ASN A 690 9.52 4.93 4.74
CA ASN A 690 10.33 3.73 4.82
C ASN A 690 11.21 3.76 6.05
N GLU A 691 11.85 4.91 6.29
CA GLU A 691 12.71 5.10 7.44
C GLU A 691 12.48 6.50 8.03
N LEU A 692 13.26 6.80 9.06
CA LEU A 692 13.23 8.10 9.72
C LEU A 692 14.68 8.50 9.85
N PHE A 693 15.00 9.72 9.44
CA PHE A 693 16.37 10.16 9.55
C PHE A 693 16.45 11.32 10.51
N LEU A 694 17.28 11.18 11.55
CA LEU A 694 17.45 12.28 12.50
C LEU A 694 18.76 12.92 12.11
N TRP A 695 18.65 14.10 11.50
CA TRP A 695 19.80 14.84 11.03
C TRP A 695 20.16 15.96 11.99
N MET A 696 21.34 15.87 12.60
CA MET A 696 21.78 16.93 13.51
C MET A 696 22.92 17.71 12.87
N GLY A 697 22.70 19.02 12.73
CA GLY A 697 23.70 19.88 12.14
C GLY A 697 25.03 19.84 12.87
N GLY A 698 26.11 19.70 12.10
CA GLY A 698 27.44 19.62 12.68
C GLY A 698 27.78 20.78 13.59
N ASP A 699 27.00 21.85 13.55
CA ASP A 699 27.24 23.02 14.39
C ASP A 699 26.17 23.21 15.45
N ALA A 700 25.56 22.12 15.90
CA ALA A 700 24.52 22.23 16.91
C ALA A 700 25.14 22.67 18.24
N VAL A 701 24.53 23.66 18.88
CA VAL A 701 25.02 24.16 20.16
C VAL A 701 25.02 23.01 21.16
N PRO A 702 26.06 22.92 22.01
CA PRO A 702 26.15 21.85 23.00
C PRO A 702 24.86 21.63 23.79
N ALA A 703 24.10 22.70 24.01
CA ALA A 703 22.83 22.59 24.74
C ALA A 703 21.87 21.67 23.99
N LEU A 704 21.84 21.81 22.67
CA LEU A 704 20.97 20.99 21.84
C LEU A 704 21.51 19.56 21.78
N VAL A 705 22.81 19.42 21.55
CA VAL A 705 23.41 18.09 21.50
C VAL A 705 23.17 17.39 22.82
N PHE A 706 23.08 18.19 23.88
CA PHE A 706 22.85 17.68 25.23
C PHE A 706 21.42 17.22 25.41
N ASP A 707 20.47 18.12 25.17
CA ASP A 707 19.06 17.79 25.31
C ASP A 707 18.71 16.49 24.58
N VAL A 708 19.36 16.27 23.44
CA VAL A 708 19.05 15.08 22.65
C VAL A 708 19.78 13.78 22.99
N PHE A 709 21.09 13.82 23.16
CA PHE A 709 21.81 12.58 23.46
C PHE A 709 22.47 12.46 24.84
N GLY A 710 22.40 13.53 25.64
CA GLY A 710 23.01 13.46 26.96
C GLY A 710 24.39 14.09 27.02
N THR A 711 25.18 13.94 25.96
CA THR A 711 26.52 14.50 25.90
C THR A 711 26.50 15.90 25.29
N GLN A 712 27.64 16.58 25.36
CA GLN A 712 27.78 17.92 24.80
C GLN A 712 28.72 17.86 23.62
N ASP A 713 29.33 16.68 23.41
CA ASP A 713 30.23 16.48 22.29
C ASP A 713 29.40 15.93 21.14
N ILE A 714 29.34 16.67 20.03
CA ILE A 714 28.57 16.24 18.89
C ILE A 714 29.22 15.11 18.12
N PHE A 715 30.51 14.88 18.36
CA PHE A 715 31.20 13.81 17.65
C PHE A 715 31.09 12.53 18.46
N ASP A 716 30.44 12.63 19.63
CA ASP A 716 30.26 11.49 20.51
C ASP A 716 28.85 10.93 20.33
N ILE A 717 28.06 11.59 19.47
CA ILE A 717 26.70 11.14 19.23
C ILE A 717 26.64 9.75 18.60
N PRO A 718 25.50 9.09 18.73
CA PRO A 718 25.29 7.76 18.16
C PRO A 718 25.19 7.92 16.66
N ILE A 719 25.76 6.99 15.90
CA ILE A 719 25.71 7.09 14.46
C ILE A 719 25.13 5.85 13.81
N GLY A 720 24.30 6.07 12.79
CA GLY A 720 23.70 4.97 12.06
C GLY A 720 22.32 4.57 12.53
N LYS A 721 22.04 3.27 12.44
CA LYS A 721 20.74 2.74 12.84
C LYS A 721 20.73 2.56 14.35
N GLN A 722 20.27 3.59 15.06
CA GLN A 722 20.21 3.56 16.52
C GLN A 722 19.03 4.41 17.00
N GLU A 723 18.50 4.07 18.17
CA GLU A 723 17.37 4.81 18.75
C GLU A 723 17.89 5.98 19.57
N ILE A 724 17.01 6.90 19.93
CA ILE A 724 17.42 8.05 20.73
C ILE A 724 17.35 7.62 22.20
N PRO A 725 18.41 7.90 22.97
CA PRO A 725 18.46 7.54 24.39
C PRO A 725 17.48 8.32 25.25
N VAL A 726 17.09 7.72 26.37
CA VAL A 726 16.18 8.37 27.31
C VAL A 726 17.03 9.28 28.20
N VAL A 727 17.03 10.58 27.91
CA VAL A 727 17.79 11.55 28.70
C VAL A 727 16.91 12.18 29.78
N GLU A 728 17.10 11.71 31.00
CA GLU A 728 16.33 12.18 32.15
C GLU A 728 16.39 13.66 32.38
N ASN A 729 15.24 14.23 32.72
CA ASN A 729 15.13 15.65 33.01
C ASN A 729 15.34 16.56 31.82
N SER A 730 15.12 16.01 30.63
CA SER A 730 15.22 16.78 29.41
C SER A 730 13.84 16.67 28.78
N GLU A 731 13.01 17.68 28.98
CA GLU A 731 11.68 17.63 28.41
C GLU A 731 11.80 17.61 26.89
N PHE A 732 12.88 18.21 26.37
CA PHE A 732 13.09 18.25 24.92
C PHE A 732 13.35 16.84 24.37
N ASN A 733 14.16 16.07 25.09
CA ASN A 733 14.45 14.70 24.69
C ASN A 733 13.17 13.88 24.66
N GLN A 734 12.28 14.14 25.61
CA GLN A 734 11.01 13.42 25.68
C GLN A 734 10.15 13.81 24.48
N ARG A 735 10.16 15.09 24.14
CA ARG A 735 9.37 15.57 23.00
C ARG A 735 9.86 14.93 21.70
N VAL A 736 11.18 14.84 21.55
CA VAL A 736 11.74 14.24 20.35
C VAL A 736 11.34 12.77 20.31
N ARG A 737 11.41 12.09 21.44
CA ARG A 737 11.01 10.68 21.48
C ARG A 737 9.51 10.55 21.19
N ASN A 738 8.71 11.49 21.67
CA ASN A 738 7.27 11.45 21.41
C ASN A 738 6.98 11.54 19.93
N ILE A 739 7.58 12.53 19.26
CA ILE A 739 7.37 12.70 17.83
C ILE A 739 7.71 11.44 17.06
N ILE A 740 8.89 10.89 17.34
CA ILE A 740 9.32 9.68 16.69
C ILE A 740 8.31 8.56 16.91
N ASN A 741 7.89 8.36 18.16
CA ASN A 741 6.96 7.29 18.43
C ASN A 741 5.62 7.54 17.75
N GLN A 742 5.24 8.80 17.63
CA GLN A 742 3.99 9.17 16.97
C GLN A 742 4.01 8.81 15.49
N LEU A 743 5.10 9.18 14.83
CA LEU A 743 5.25 8.90 13.40
C LEU A 743 5.32 7.40 13.17
N ARG A 744 5.54 6.65 14.24
CA ARG A 744 5.65 5.20 14.13
C ARG A 744 4.38 4.38 14.31
N ASN A 745 3.28 5.00 14.71
CA ASN A 745 2.10 4.17 14.87
C ASN A 745 1.03 4.45 13.83
N HIS A 746 0.63 3.37 13.18
CA HIS A 746 -0.36 3.41 12.13
C HIS A 746 -1.21 2.18 12.32
N ASP A 747 -2.52 2.32 12.16
CA ASP A 747 -3.40 1.18 12.32
C ASP A 747 -3.81 0.66 10.96
N ASP A 748 -3.20 1.21 9.91
CA ASP A 748 -3.50 0.83 8.54
C ASP A 748 -2.37 0.15 7.75
N VAL A 749 -1.13 0.25 8.23
CA VAL A 749 0.01 -0.43 7.58
C VAL A 749 0.87 -1.08 8.65
N ILE A 750 1.74 -2.01 8.24
CA ILE A 750 2.59 -2.71 9.18
C ILE A 750 3.96 -2.09 9.36
N THR A 751 4.29 -1.15 8.49
CA THR A 751 5.61 -0.54 8.52
C THR A 751 6.12 -0.05 9.88
N TYR A 752 7.34 -0.46 10.21
CA TYR A 752 8.00 -0.02 11.42
C TYR A 752 9.23 0.69 10.86
N GLN A 753 9.30 2.00 11.05
CA GLN A 753 10.41 2.77 10.50
C GLN A 753 11.63 2.91 11.36
N SER A 754 12.69 2.19 10.98
CA SER A 754 13.96 2.27 11.69
C SER A 754 14.44 3.72 11.67
N LEU A 755 15.24 4.07 12.68
CA LEU A 755 15.79 5.43 12.78
C LEU A 755 17.28 5.46 12.45
N TYR A 756 17.69 6.44 11.67
CA TYR A 756 19.09 6.62 11.29
C TYR A 756 19.54 7.99 11.76
N ILE A 757 20.56 8.00 12.62
CA ILE A 757 21.09 9.23 13.16
C ILE A 757 22.28 9.64 12.32
N VAL A 758 22.18 10.84 11.75
CA VAL A 758 23.23 11.36 10.90
C VAL A 758 23.72 12.70 11.39
N ARG A 759 25.04 12.87 11.38
CA ARG A 759 25.67 14.12 11.80
C ARG A 759 26.08 14.95 10.58
N GLY A 760 25.81 16.25 10.63
CA GLY A 760 26.19 17.12 9.55
C GLY A 760 27.68 17.41 9.58
N ALA A 761 28.19 18.00 8.52
CA ALA A 761 29.61 18.34 8.43
C ALA A 761 29.79 19.77 8.96
N ALA A 772 33.83 6.98 9.90
CA ALA A 772 34.23 8.08 9.02
C ALA A 772 33.59 7.96 7.63
N ARG A 773 33.62 6.75 7.07
CA ARG A 773 33.05 6.48 5.77
C ARG A 773 31.55 6.26 5.88
N GLU A 774 31.16 5.53 6.92
CA GLU A 774 29.76 5.26 7.18
C GLU A 774 29.02 6.60 7.30
N VAL A 775 29.67 7.56 7.95
CA VAL A 775 29.08 8.88 8.13
C VAL A 775 28.79 9.54 6.78
N ALA A 776 29.71 9.36 5.84
CA ALA A 776 29.54 9.95 4.51
C ALA A 776 28.40 9.26 3.79
N THR A 777 28.37 7.94 3.91
CA THR A 777 27.35 7.13 3.26
C THR A 777 25.94 7.48 3.75
N LEU A 778 25.82 7.81 5.03
CA LEU A 778 24.53 8.16 5.62
C LEU A 778 24.10 9.55 5.16
N ARG A 779 25.04 10.49 5.19
CA ARG A 779 24.72 11.84 4.74
C ARG A 779 24.19 11.76 3.34
N LEU A 780 24.82 10.90 2.56
CA LEU A 780 24.46 10.70 1.16
C LEU A 780 23.02 10.20 1.06
N TRP A 781 22.69 9.17 1.84
CA TRP A 781 21.36 8.59 1.83
C TRP A 781 20.29 9.57 2.31
N ALA A 782 20.56 10.21 3.44
CA ALA A 782 19.61 11.16 3.98
C ALA A 782 19.42 12.29 2.97
N SER A 783 20.54 12.79 2.42
CA SER A 783 20.47 13.87 1.44
C SER A 783 19.57 13.52 0.27
N SER A 784 19.68 12.29 -0.21
CA SER A 784 18.86 11.89 -1.35
C SER A 784 17.37 12.03 -1.07
N THR A 785 16.98 12.13 0.20
CA THR A 785 15.56 12.25 0.50
C THR A 785 15.01 13.63 0.22
N LEU A 786 15.89 14.62 0.16
CA LEU A 786 15.46 15.99 -0.08
C LEU A 786 15.23 16.22 -1.56
N VAL A 787 14.28 15.47 -2.10
CA VAL A 787 13.91 15.49 -3.51
C VAL A 787 13.73 16.84 -4.21
N GLU A 788 13.86 17.94 -3.50
CA GLU A 788 13.72 19.24 -4.16
C GLU A 788 15.08 19.69 -4.67
N ASP A 789 16.12 19.08 -4.12
CA ASP A 789 17.48 19.41 -4.51
C ASP A 789 18.03 18.70 -5.74
N LYS A 790 19.13 19.25 -6.23
CA LYS A 790 19.85 18.71 -7.37
C LYS A 790 20.67 17.54 -6.88
N ILE A 791 20.71 16.46 -7.66
CA ILE A 791 21.50 15.31 -7.26
C ILE A 791 22.34 14.72 -8.39
N LEU A 792 23.65 14.91 -8.32
CA LEU A 792 24.53 14.37 -9.35
C LEU A 792 24.18 15.05 -10.70
N ASN A 793 23.35 14.39 -11.52
CA ASN A 793 22.92 14.89 -12.84
C ASN A 793 21.38 14.95 -12.99
N ASN A 794 20.68 15.19 -11.89
CA ASN A 794 19.23 15.33 -11.88
C ASN A 794 19.07 16.78 -11.42
N GLU A 795 18.37 17.62 -12.16
CA GLU A 795 18.25 19.02 -11.71
C GLU A 795 17.38 19.18 -10.46
N SER A 796 17.36 20.41 -9.93
CA SER A 796 16.57 20.71 -8.76
C SER A 796 15.11 20.90 -9.21
N TYR A 797 14.20 21.00 -8.24
CA TYR A 797 12.81 21.21 -8.59
C TYR A 797 12.69 22.55 -9.29
N ARG A 798 13.37 23.55 -8.75
CA ARG A 798 13.35 24.88 -9.36
C ARG A 798 13.74 24.82 -10.84
N GLU A 799 14.87 24.19 -11.14
CA GLU A 799 15.31 24.09 -12.52
C GLU A 799 14.32 23.29 -13.35
N PHE A 800 13.80 22.20 -12.78
CA PHE A 800 12.83 21.34 -13.45
C PHE A 800 11.71 22.19 -14.04
N LEU A 801 11.15 23.07 -13.23
CA LEU A 801 10.07 23.93 -13.68
C LEU A 801 10.55 24.80 -14.85
N GLN A 802 11.76 25.34 -14.73
CA GLN A 802 12.32 26.17 -15.77
C GLN A 802 12.46 25.39 -17.07
N ILE A 803 12.94 24.15 -16.96
CA ILE A 803 13.11 23.30 -18.13
C ILE A 803 11.76 23.10 -18.80
N MET A 804 10.75 22.71 -18.02
CA MET A 804 9.42 22.50 -18.55
C MET A 804 8.94 23.74 -19.29
N LYS A 805 9.05 24.91 -18.67
CA LYS A 805 8.61 26.15 -19.32
C LYS A 805 9.28 26.34 -20.69
N ALA A 806 10.56 26.03 -20.78
CA ALA A 806 11.26 26.18 -22.04
C ALA A 806 10.70 25.22 -23.07
N ARG A 807 10.33 24.03 -22.63
CA ARG A 807 9.81 23.01 -23.55
C ARG A 807 8.45 23.31 -24.16
N ILE A 808 7.52 23.83 -23.37
CA ILE A 808 6.19 24.12 -23.89
C ILE A 808 6.14 25.46 -24.61
N SER A 809 7.31 26.00 -24.97
CA SER A 809 7.39 27.28 -25.66
C SER A 809 7.67 27.09 -27.15
N LYS A 810 7.34 28.09 -27.95
CA LYS A 810 7.56 28.05 -29.39
C LYS A 810 8.83 28.82 -29.75
N THR B 1 24.68 -9.15 -5.40
CA THR B 1 24.02 -8.13 -4.52
C THR B 1 24.31 -8.37 -3.04
N TYR B 2 25.10 -7.49 -2.42
CA TYR B 2 25.36 -7.60 -0.97
C TYR B 2 24.38 -6.57 -0.42
N ASN B 3 23.42 -6.99 0.38
CA ASN B 3 22.45 -6.03 0.92
C ASN B 3 22.84 -5.32 2.19
N ASN B 4 22.51 -4.03 2.22
CA ASN B 4 22.77 -3.16 3.36
C ASN B 4 21.50 -2.31 3.46
N SER B 5 21.12 -1.91 4.67
CA SER B 5 19.94 -1.08 4.79
C SER B 5 20.17 0.18 3.96
N ASN B 6 21.41 0.66 3.96
CA ASN B 6 21.71 1.85 3.20
C ASN B 6 22.00 1.43 1.76
N PRO B 7 21.24 1.95 0.80
CA PRO B 7 21.47 1.58 -0.58
C PRO B 7 22.79 2.15 -1.15
N PHE B 8 23.36 3.14 -0.47
CA PHE B 8 24.59 3.77 -0.93
C PHE B 8 25.83 3.15 -0.29
N MET B 9 25.68 1.95 0.26
CA MET B 9 26.83 1.30 0.90
C MET B 9 27.71 0.57 -0.10
N THR B 10 29.00 0.88 -0.05
CA THR B 10 30.00 0.27 -0.93
C THR B 10 30.25 -1.20 -0.54
#